data_6G5X
#
_entry.id   6G5X
#
_cell.length_a   99.137
_cell.length_b   148.615
_cell.length_c   56.910
_cell.angle_alpha   90.000
_cell.angle_beta   90.000
_cell.angle_gamma   90.000
#
_symmetry.space_group_name_H-M   'P 21 21 2'
#
loop_
_entity.id
_entity.type
_entity.pdbx_description
1 polymer 'Lysine-specific demethylase 4A'
2 non-polymer 'ZINC ION'
3 non-polymer 'NICKEL (II) ION'
4 non-polymer 1,2-ETHANEDIOL
5 non-polymer 'CITRIC ACID'
6 non-polymer GLYCEROL
7 non-polymer '2-(3-methyl-5-oxidanylidene-4-phenyl-4~{H}-pyrazol-1-yl)-3~{H}-benzimidazole-5-carboxylic acid'
8 water water
#
_entity_poly.entity_id   1
_entity_poly.type   'polypeptide(L)'
_entity_poly.pdbx_seq_one_letter_code
;MASESETLNPSARIMTFYPTMEEFRNFSRYIAYIESQGAHRAGLAKVVPPKEWKPRASYDDIDDLVIPAPIQQLVTGQSG
LFTQYNIQKKAMTVREFRKIANSDKYCTPRYSEFEELERKYWKNLTFNPPIYGADVNGTLYEKHVDEWNIGRLRTILDLV
EKESGITIEGVNTPYLYFGMWKTSFAWHTEDMDLYSINYLHFGEPKSWYSVPPEHGKRLERLAKGFFPGSAQSCEAFLRH
KMTLISPLMLKKYGIPFDKVTQEAGEFMITFPYGYHAGFNHGFNCAESTNFATRRWIEYGKQAVLCSCRKDMVKISMDVF
VRKFQPERYKLWKAGKDNTVIDHTLPTPEAAEFLKESEL
;
_entity_poly.pdbx_strand_id   A,B
#
# COMPACT_ATOMS: atom_id res chain seq x y z
N SER A 3 -4.57 -18.16 12.64
CA SER A 3 -5.86 -18.81 12.48
C SER A 3 -5.90 -19.65 11.21
N GLU A 4 -6.88 -20.58 11.14
CA GLU A 4 -6.98 -21.47 9.98
C GLU A 4 -7.21 -20.65 8.70
N SER A 5 -8.16 -19.73 8.74
CA SER A 5 -8.47 -18.93 7.57
C SER A 5 -7.28 -18.03 7.18
N GLU A 6 -6.56 -17.51 8.17
CA GLU A 6 -5.39 -16.66 7.85
C GLU A 6 -4.28 -17.45 7.17
N THR A 7 -4.22 -18.78 7.33
CA THR A 7 -3.16 -19.59 6.76
C THR A 7 -3.40 -19.98 5.30
N LEU A 8 -4.64 -19.85 4.81
CA LEU A 8 -4.97 -20.18 3.43
C LEU A 8 -4.80 -18.95 2.53
N ASN A 9 -4.06 -19.12 1.41
CA ASN A 9 -3.73 -18.04 0.49
C ASN A 9 -3.23 -16.83 1.28
N PRO A 10 -2.17 -16.99 2.09
CA PRO A 10 -1.69 -15.87 2.91
C PRO A 10 -1.13 -14.73 2.11
N SER A 11 -0.72 -14.95 0.88
CA SER A 11 -0.25 -13.86 0.05
C SER A 11 -1.38 -13.15 -0.68
N ALA A 12 -2.59 -13.70 -0.61
CA ALA A 12 -3.77 -13.06 -1.20
C ALA A 12 -3.59 -12.84 -2.70
N ARG A 13 -3.04 -13.86 -3.37
CA ARG A 13 -2.78 -13.84 -4.79
C ARG A 13 -3.96 -14.40 -5.56
N ILE A 14 -4.15 -13.91 -6.78
CA ILE A 14 -5.24 -14.39 -7.63
C ILE A 14 -5.02 -15.85 -7.94
N MET A 15 -5.96 -16.69 -7.54
CA MET A 15 -5.93 -18.10 -7.89
C MET A 15 -6.75 -18.41 -9.15
N THR A 16 -6.34 -19.49 -9.82
CA THR A 16 -7.04 -20.02 -10.98
C THR A 16 -7.48 -21.46 -10.70
N PHE A 17 -8.68 -21.79 -11.12
CA PHE A 17 -9.27 -23.10 -10.89
C PHE A 17 -9.70 -23.71 -12.20
N TYR A 18 -9.53 -25.03 -12.31
CA TYR A 18 -9.94 -25.80 -13.48
C TYR A 18 -10.90 -26.91 -13.05
N PRO A 19 -12.14 -26.56 -12.72
CA PRO A 19 -13.10 -27.59 -12.30
C PRO A 19 -13.35 -28.64 -13.37
N THR A 20 -13.49 -29.89 -12.93
CA THR A 20 -14.12 -30.90 -13.75
C THR A 20 -15.57 -30.52 -14.01
N MET A 21 -16.21 -31.22 -14.95
CA MET A 21 -17.62 -30.95 -15.24
C MET A 21 -18.53 -31.27 -14.07
N GLU A 22 -18.14 -32.21 -13.21
CA GLU A 22 -18.99 -32.55 -12.08
C GLU A 22 -18.93 -31.47 -11.01
N GLU A 23 -17.74 -31.00 -10.67
CA GLU A 23 -17.62 -29.88 -9.75
C GLU A 23 -18.31 -28.64 -10.30
N PHE A 24 -18.35 -28.51 -11.63
CA PHE A 24 -18.86 -27.31 -12.27
C PHE A 24 -20.37 -27.21 -12.21
N ARG A 25 -21.06 -28.34 -12.05
CA ARG A 25 -22.51 -28.34 -12.20
C ARG A 25 -23.24 -27.55 -11.11
N ASN A 26 -22.67 -27.44 -9.90
CA ASN A 26 -23.32 -26.72 -8.81
C ASN A 26 -22.54 -25.42 -8.54
N PHE A 27 -23.12 -24.30 -8.96
CA PHE A 27 -22.39 -23.04 -8.93
C PHE A 27 -22.06 -22.59 -7.51
N SER A 28 -23.09 -22.45 -6.65
CA SER A 28 -22.87 -22.00 -5.27
CA SER A 28 -22.87 -22.00 -5.28
C SER A 28 -21.87 -22.89 -4.56
N ARG A 29 -21.96 -24.19 -4.78
CA ARG A 29 -21.06 -25.12 -4.11
C ARG A 29 -19.62 -24.89 -4.54
N TYR A 30 -19.39 -24.60 -5.82
CA TYR A 30 -18.01 -24.43 -6.25
C TYR A 30 -17.45 -23.09 -5.75
N ILE A 31 -18.29 -22.05 -5.66
CA ILE A 31 -17.87 -20.81 -5.02
C ILE A 31 -17.42 -21.09 -3.58
N ALA A 32 -18.18 -21.89 -2.84
CA ALA A 32 -17.74 -22.19 -1.48
C ALA A 32 -16.44 -23.00 -1.49
N TYR A 33 -16.29 -23.91 -2.46
CA TYR A 33 -15.04 -24.64 -2.57
C TYR A 33 -13.88 -23.68 -2.78
N ILE A 34 -14.01 -22.76 -3.74
CA ILE A 34 -12.82 -21.94 -3.98
C ILE A 34 -12.54 -21.07 -2.76
N GLU A 35 -13.56 -20.66 -2.01
CA GLU A 35 -13.26 -19.92 -0.78
C GLU A 35 -12.55 -20.82 0.25
N SER A 36 -12.88 -22.12 0.28
CA SER A 36 -12.20 -23.02 1.19
C SER A 36 -10.70 -23.10 0.90
N GLN A 37 -10.28 -22.78 -0.33
CA GLN A 37 -8.89 -22.69 -0.70
C GLN A 37 -8.29 -21.31 -0.53
N GLY A 38 -9.07 -20.34 -0.03
CA GLY A 38 -8.59 -19.00 0.19
C GLY A 38 -8.73 -18.04 -0.97
N ALA A 39 -9.40 -18.44 -2.06
CA ALA A 39 -9.40 -17.64 -3.29
C ALA A 39 -9.90 -16.21 -3.05
N HIS A 40 -10.86 -16.05 -2.15
CA HIS A 40 -11.49 -14.75 -1.95
C HIS A 40 -10.53 -13.72 -1.43
N ARG A 41 -9.43 -14.13 -0.81
CA ARG A 41 -8.59 -13.13 -0.19
C ARG A 41 -7.97 -12.22 -1.23
N ALA A 42 -7.83 -12.69 -2.47
CA ALA A 42 -7.30 -11.85 -3.54
C ALA A 42 -8.33 -10.86 -4.08
N GLY A 43 -9.62 -11.10 -3.83
CA GLY A 43 -10.68 -10.25 -4.34
C GLY A 43 -11.16 -10.65 -5.72
N LEU A 44 -10.41 -11.51 -6.40
CA LEU A 44 -10.62 -11.91 -7.77
C LEU A 44 -10.05 -13.30 -7.96
N ALA A 45 -10.80 -14.15 -8.68
CA ALA A 45 -10.39 -15.50 -9.01
C ALA A 45 -10.76 -15.78 -10.45
N LYS A 46 -9.94 -16.61 -11.10
CA LYS A 46 -10.23 -17.11 -12.44
C LYS A 46 -10.76 -18.54 -12.32
N VAL A 47 -11.80 -18.82 -13.07
CA VAL A 47 -12.29 -20.18 -13.20
C VAL A 47 -12.34 -20.55 -14.67
N VAL A 48 -11.57 -21.57 -15.04
CA VAL A 48 -11.53 -22.08 -16.40
C VAL A 48 -12.53 -23.23 -16.49
N PRO A 49 -13.61 -23.09 -17.26
CA PRO A 49 -14.61 -24.17 -17.33
C PRO A 49 -14.11 -25.36 -18.13
N PRO A 50 -14.77 -26.51 -17.97
CA PRO A 50 -14.40 -27.69 -18.77
C PRO A 50 -14.45 -27.42 -20.28
N LYS A 51 -13.43 -27.93 -20.98
CA LYS A 51 -13.30 -27.76 -22.43
C LYS A 51 -14.60 -28.11 -23.13
N GLU A 52 -15.26 -29.16 -22.64
CA GLU A 52 -16.48 -29.70 -23.19
C GLU A 52 -17.68 -28.81 -22.95
N TRP A 53 -17.54 -27.73 -22.19
CA TRP A 53 -18.66 -26.88 -21.84
C TRP A 53 -18.67 -25.64 -22.73
N LYS A 54 -19.86 -25.31 -23.25
CA LYS A 54 -20.02 -24.11 -24.07
C LYS A 54 -21.39 -23.51 -23.72
N PRO A 55 -21.47 -22.21 -23.52
CA PRO A 55 -22.74 -21.56 -23.20
C PRO A 55 -23.58 -21.18 -24.41
N ARG A 56 -23.00 -21.28 -25.61
CA ARG A 56 -23.67 -20.89 -26.83
C ARG A 56 -22.96 -21.59 -27.99
N ALA A 57 -23.73 -22.00 -28.98
CA ALA A 57 -23.19 -22.79 -30.07
C ALA A 57 -22.40 -21.93 -31.04
N SER A 58 -22.84 -20.70 -31.29
CA SER A 58 -22.01 -19.82 -32.10
C SER A 58 -22.50 -18.40 -31.97
N TYR A 59 -21.61 -17.47 -32.27
CA TYR A 59 -21.86 -16.04 -32.13
C TYR A 59 -21.93 -15.33 -33.49
N ASP A 60 -22.28 -16.07 -34.55
CA ASP A 60 -22.41 -15.48 -35.88
C ASP A 60 -23.78 -14.85 -36.12
N ASP A 61 -24.66 -14.86 -35.13
CA ASP A 61 -26.03 -14.41 -35.34
C ASP A 61 -26.39 -13.18 -34.51
N ILE A 62 -25.39 -12.37 -34.13
CA ILE A 62 -25.65 -11.21 -33.28
C ILE A 62 -25.21 -9.90 -33.93
N ASP A 63 -24.92 -9.89 -35.23
CA ASP A 63 -24.47 -8.65 -35.87
C ASP A 63 -25.50 -7.53 -35.73
N ASP A 64 -26.79 -7.85 -35.70
CA ASP A 64 -27.84 -6.84 -35.67
C ASP A 64 -28.33 -6.53 -34.25
N LEU A 65 -27.75 -7.17 -33.25
CA LEU A 65 -28.06 -6.83 -31.85
C LEU A 65 -27.71 -5.37 -31.57
N VAL A 66 -28.63 -4.67 -30.92
CA VAL A 66 -28.51 -3.22 -30.71
C VAL A 66 -27.75 -2.94 -29.41
N ILE A 67 -26.75 -2.06 -29.48
CA ILE A 67 -26.06 -1.47 -28.34
C ILE A 67 -26.71 -0.10 -28.13
N PRO A 68 -27.64 0.07 -27.19
CA PRO A 68 -28.47 1.29 -27.19
C PRO A 68 -27.72 2.56 -26.80
N ALA A 69 -26.68 2.43 -25.96
CA ALA A 69 -26.05 3.60 -25.31
C ALA A 69 -24.54 3.40 -25.22
N PRO A 70 -23.88 3.22 -26.36
CA PRO A 70 -22.41 3.17 -26.35
C PRO A 70 -21.84 4.43 -25.70
N ILE A 71 -20.69 4.28 -25.03
CA ILE A 71 -20.08 5.35 -24.24
C ILE A 71 -18.70 5.68 -24.80
N GLN A 72 -18.48 6.94 -25.21
CA GLN A 72 -17.12 7.41 -25.51
C GLN A 72 -16.43 7.78 -24.18
N GLN A 73 -15.29 7.13 -23.91
CA GLN A 73 -14.57 7.30 -22.63
C GLN A 73 -13.44 8.33 -22.77
N LEU A 74 -13.67 9.52 -22.28
CA LEU A 74 -12.65 10.57 -22.27
C LEU A 74 -11.93 10.51 -20.92
N VAL A 75 -10.63 10.30 -20.92
CA VAL A 75 -9.88 10.10 -19.67
C VAL A 75 -8.96 11.28 -19.50
N THR A 76 -8.93 11.84 -18.29
CA THR A 76 -8.10 13.02 -18.04
C THR A 76 -7.26 12.70 -16.82
N GLY A 77 -6.02 13.16 -16.83
CA GLY A 77 -5.14 12.89 -15.71
C GLY A 77 -3.70 12.74 -16.14
N GLN A 78 -2.87 12.44 -15.14
CA GLN A 78 -1.42 12.32 -15.33
C GLN A 78 -0.82 11.59 -14.12
N SER A 79 0.39 11.09 -14.32
CA SER A 79 1.15 10.47 -13.23
C SER A 79 0.34 9.36 -12.57
N GLY A 80 -0.28 8.53 -13.41
CA GLY A 80 -0.94 7.35 -12.94
C GLY A 80 -2.28 7.58 -12.29
N LEU A 81 -2.79 8.82 -12.30
CA LEU A 81 -4.05 9.13 -11.65
C LEU A 81 -4.98 9.79 -12.66
N PHE A 82 -6.18 9.24 -12.81
CA PHE A 82 -7.02 9.71 -13.90
C PHE A 82 -8.50 9.68 -13.52
N THR A 83 -9.27 10.50 -14.23
CA THR A 83 -10.71 10.55 -14.09
C THR A 83 -11.31 10.40 -15.48
N GLN A 84 -12.26 9.47 -15.60
CA GLN A 84 -12.90 9.10 -16.85
C GLN A 84 -14.27 9.74 -16.92
N TYR A 85 -14.54 10.44 -18.02
CA TYR A 85 -15.81 11.11 -18.25
C TYR A 85 -16.51 10.37 -19.38
N ASN A 86 -17.82 10.21 -19.27
CA ASN A 86 -18.60 9.45 -20.25
C ASN A 86 -19.32 10.40 -21.17
N ILE A 87 -19.25 10.11 -22.46
CA ILE A 87 -20.00 10.81 -23.49
C ILE A 87 -20.88 9.75 -24.15
N GLN A 88 -22.19 9.85 -23.99
CA GLN A 88 -23.07 8.86 -24.60
C GLN A 88 -23.14 9.13 -26.09
N LYS A 89 -23.01 8.09 -26.91
CA LYS A 89 -23.09 8.17 -28.35
C LYS A 89 -24.42 7.55 -28.80
N LYS A 90 -24.74 7.71 -30.09
CA LYS A 90 -25.98 7.17 -30.61
C LYS A 90 -25.92 5.65 -30.66
N ALA A 91 -27.10 5.02 -30.59
CA ALA A 91 -27.20 3.57 -30.62
C ALA A 91 -26.54 3.00 -31.86
N MET A 92 -25.95 1.81 -31.75
CA MET A 92 -25.37 1.17 -32.92
C MET A 92 -25.46 -0.34 -32.75
N THR A 93 -25.28 -1.05 -33.86
CA THR A 93 -25.34 -2.50 -33.84
C THR A 93 -23.95 -3.03 -33.52
N VAL A 94 -23.94 -4.29 -33.08
CA VAL A 94 -22.69 -5.00 -32.90
C VAL A 94 -21.85 -4.94 -34.16
N ARG A 95 -22.47 -5.15 -35.32
CA ARG A 95 -21.74 -5.09 -36.57
C ARG A 95 -21.04 -3.74 -36.71
N GLU A 96 -21.78 -2.65 -36.49
CA GLU A 96 -21.21 -1.32 -36.60
C GLU A 96 -20.07 -1.13 -35.60
N PHE A 97 -20.26 -1.62 -34.37
CA PHE A 97 -19.27 -1.46 -33.32
C PHE A 97 -18.01 -2.26 -33.66
N ARG A 98 -18.17 -3.49 -34.16
CA ARG A 98 -17.01 -4.28 -34.52
C ARG A 98 -16.22 -3.57 -35.62
N LYS A 99 -16.91 -2.99 -36.58
CA LYS A 99 -16.18 -2.34 -37.67
C LYS A 99 -15.30 -1.23 -37.14
N ILE A 100 -15.83 -0.43 -36.21
CA ILE A 100 -15.04 0.62 -35.58
C ILE A 100 -13.93 0.02 -34.74
N ALA A 101 -14.25 -0.98 -33.91
CA ALA A 101 -13.25 -1.61 -33.07
C ALA A 101 -12.01 -2.05 -33.86
N ASN A 102 -12.22 -2.63 -35.05
CA ASN A 102 -11.12 -3.24 -35.80
C ASN A 102 -10.51 -2.28 -36.81
N SER A 103 -11.12 -1.10 -37.00
CA SER A 103 -10.58 -0.10 -37.90
C SER A 103 -9.20 0.39 -37.45
N ASP A 104 -8.44 0.92 -38.41
CA ASP A 104 -7.10 1.34 -38.07
C ASP A 104 -7.08 2.36 -36.95
N LYS A 105 -8.11 3.20 -36.87
CA LYS A 105 -8.08 4.26 -35.86
C LYS A 105 -8.09 3.68 -34.46
N TYR A 106 -8.80 2.59 -34.24
CA TYR A 106 -9.06 2.12 -32.89
C TYR A 106 -8.45 0.78 -32.52
N CYS A 107 -7.88 0.06 -33.47
CA CYS A 107 -7.54 -1.34 -33.25
C CYS A 107 -6.35 -1.46 -32.32
N THR A 108 -6.17 -2.68 -31.83
CA THR A 108 -5.08 -3.01 -30.92
C THR A 108 -3.75 -2.70 -31.57
N PRO A 109 -2.82 -2.05 -30.86
CA PRO A 109 -1.48 -1.87 -31.43
C PRO A 109 -0.71 -3.18 -31.42
N ARG A 110 0.36 -3.21 -32.22
CA ARG A 110 1.29 -4.32 -32.24
C ARG A 110 2.06 -4.42 -30.93
N TYR A 111 2.38 -5.63 -30.53
CA TYR A 111 3.19 -5.83 -29.34
C TYR A 111 3.61 -7.29 -29.28
N SER A 112 4.52 -7.58 -28.35
CA SER A 112 4.97 -8.94 -28.08
C SER A 112 4.50 -9.47 -26.72
N GLU A 113 5.15 -9.04 -25.63
CA GLU A 113 4.77 -9.47 -24.30
C GLU A 113 3.55 -8.69 -23.81
N PHE A 114 2.71 -9.33 -22.99
CA PHE A 114 1.60 -8.60 -22.39
C PHE A 114 2.10 -7.33 -21.71
N GLU A 115 3.28 -7.38 -21.11
CA GLU A 115 3.74 -6.23 -20.34
C GLU A 115 3.90 -5.00 -21.24
N GLU A 116 4.16 -5.23 -22.53
CA GLU A 116 4.33 -4.11 -23.45
C GLU A 116 2.98 -3.47 -23.76
N LEU A 117 1.96 -4.29 -24.00
CA LEU A 117 0.63 -3.74 -24.21
C LEU A 117 0.16 -2.96 -22.98
N GLU A 118 0.40 -3.52 -21.80
CA GLU A 118 -0.02 -2.86 -20.56
C GLU A 118 0.60 -1.47 -20.47
N ARG A 119 1.89 -1.36 -20.84
CA ARG A 119 2.55 -0.08 -20.85
C ARG A 119 1.92 0.86 -21.87
N LYS A 120 1.59 0.35 -23.06
CA LYS A 120 0.91 1.18 -24.04
C LYS A 120 -0.42 1.68 -23.52
N TYR A 121 -1.14 0.87 -22.76
CA TYR A 121 -2.43 1.30 -22.26
C TYR A 121 -2.27 2.49 -21.32
N TRP A 122 -1.35 2.38 -20.36
CA TRP A 122 -1.20 3.43 -19.34
C TRP A 122 -0.54 4.67 -19.89
N LYS A 123 0.15 4.54 -21.01
CA LYS A 123 0.76 5.70 -21.66
C LYS A 123 -0.22 6.43 -22.56
N ASN A 124 -1.21 5.73 -23.10
CA ASN A 124 -2.08 6.28 -24.12
C ASN A 124 -3.55 6.37 -23.75
N LEU A 125 -3.91 6.05 -22.51
CA LEU A 125 -5.32 5.96 -22.21
C LEU A 125 -6.03 7.32 -22.26
N THR A 126 -5.31 8.45 -22.16
CA THR A 126 -5.97 9.74 -22.35
C THR A 126 -6.05 10.24 -23.81
N PHE A 127 -5.52 9.50 -24.79
CA PHE A 127 -5.53 9.87 -26.20
C PHE A 127 -6.54 8.98 -26.93
N ASN A 128 -7.00 9.47 -28.09
CA ASN A 128 -7.91 8.80 -29.02
C ASN A 128 -9.01 8.09 -28.24
N PRO A 129 -9.93 8.83 -27.63
CA PRO A 129 -10.93 8.22 -26.74
C PRO A 129 -11.73 7.12 -27.43
N PRO A 130 -11.79 5.93 -26.84
CA PRO A 130 -12.53 4.82 -27.45
C PRO A 130 -14.00 4.81 -27.05
N ILE A 131 -14.76 3.90 -27.70
CA ILE A 131 -16.17 3.72 -27.41
C ILE A 131 -16.38 2.34 -26.80
N TYR A 132 -17.03 2.29 -25.64
CA TYR A 132 -17.34 1.05 -24.92
C TYR A 132 -18.83 0.72 -25.07
N GLY A 133 -19.14 -0.48 -25.58
CA GLY A 133 -20.53 -0.89 -25.70
C GLY A 133 -21.00 -1.46 -24.37
N ALA A 134 -21.19 -0.60 -23.37
CA ALA A 134 -21.37 -1.05 -22.00
C ALA A 134 -22.83 -1.13 -21.55
N ASP A 135 -23.07 -1.96 -20.55
CA ASP A 135 -24.35 -2.00 -19.85
C ASP A 135 -25.51 -2.32 -20.79
N VAL A 136 -25.30 -3.27 -21.70
CA VAL A 136 -26.37 -3.72 -22.58
C VAL A 136 -27.19 -4.78 -21.85
N ASN A 137 -28.48 -4.56 -21.71
CA ASN A 137 -29.35 -5.56 -21.11
C ASN A 137 -29.45 -6.76 -22.03
N GLY A 138 -29.08 -7.92 -21.53
CA GLY A 138 -29.25 -9.12 -22.31
C GLY A 138 -28.29 -10.20 -21.88
N THR A 139 -28.41 -11.34 -22.56
CA THR A 139 -27.58 -12.51 -22.30
C THR A 139 -27.22 -13.14 -23.63
N LEU A 140 -26.05 -13.77 -23.70
CA LEU A 140 -25.72 -14.55 -24.88
C LEU A 140 -25.79 -16.04 -24.62
N TYR A 141 -26.21 -16.43 -23.42
CA TYR A 141 -26.40 -17.83 -23.10
C TYR A 141 -27.59 -18.40 -23.85
N GLU A 142 -27.42 -19.60 -24.38
CA GLU A 142 -28.56 -20.35 -24.89
C GLU A 142 -29.45 -20.80 -23.73
N LYS A 143 -30.77 -20.84 -23.97
CA LYS A 143 -31.74 -20.92 -22.87
C LYS A 143 -31.60 -22.19 -22.05
N HIS A 144 -31.10 -23.27 -22.63
CA HIS A 144 -31.08 -24.57 -21.95
C HIS A 144 -29.78 -24.88 -21.22
N VAL A 145 -28.85 -23.93 -21.16
CA VAL A 145 -27.60 -24.12 -20.44
C VAL A 145 -27.85 -23.93 -18.95
N ASP A 146 -27.62 -24.97 -18.15
CA ASP A 146 -27.96 -24.91 -16.74
C ASP A 146 -26.77 -24.68 -15.82
N GLU A 147 -25.55 -24.83 -16.32
CA GLU A 147 -24.35 -24.67 -15.49
C GLU A 147 -23.84 -23.25 -15.64
N TRP A 148 -23.61 -22.58 -14.50
CA TRP A 148 -23.01 -21.23 -14.49
C TRP A 148 -23.70 -20.31 -15.48
N ASN A 149 -25.03 -20.38 -15.49
CA ASN A 149 -25.82 -19.53 -16.37
C ASN A 149 -26.04 -18.19 -15.68
N ILE A 150 -25.42 -17.14 -16.23
CA ILE A 150 -25.44 -15.85 -15.56
C ILE A 150 -26.84 -15.29 -15.38
N GLY A 151 -27.78 -15.72 -16.20
CA GLY A 151 -29.15 -15.27 -16.02
C GLY A 151 -29.94 -15.95 -14.91
N ARG A 152 -29.45 -17.07 -14.37
CA ARG A 152 -30.14 -17.78 -13.32
C ARG A 152 -29.18 -18.65 -12.50
N LEU A 153 -28.38 -18.00 -11.68
CA LEU A 153 -27.38 -18.69 -10.88
C LEU A 153 -27.98 -19.32 -9.63
N ARG A 154 -29.15 -18.86 -9.20
CA ARG A 154 -29.84 -19.42 -8.05
C ARG A 154 -29.00 -19.32 -6.77
N THR A 155 -28.58 -18.12 -6.46
CA THR A 155 -27.99 -17.82 -5.17
C THR A 155 -29.01 -17.09 -4.32
N ILE A 156 -28.63 -16.82 -3.07
CA ILE A 156 -29.54 -16.14 -2.16
C ILE A 156 -29.79 -14.67 -2.55
N LEU A 157 -29.02 -14.11 -3.49
CA LEU A 157 -29.42 -12.81 -4.02
C LEU A 157 -30.84 -12.87 -4.58
N ASP A 158 -31.29 -14.06 -5.01
CA ASP A 158 -32.63 -14.22 -5.58
C ASP A 158 -33.75 -13.82 -4.61
N LEU A 159 -33.44 -13.76 -3.31
CA LEU A 159 -34.43 -13.36 -2.33
C LEU A 159 -34.95 -11.96 -2.52
N VAL A 160 -34.17 -11.08 -3.14
CA VAL A 160 -34.64 -9.73 -3.42
C VAL A 160 -35.88 -9.81 -4.32
N GLU A 161 -35.71 -10.36 -5.53
CA GLU A 161 -36.82 -10.45 -6.49
C GLU A 161 -37.92 -11.35 -5.93
N LYS A 162 -37.54 -12.46 -5.28
CA LYS A 162 -38.54 -13.41 -4.82
C LYS A 162 -39.47 -12.79 -3.80
N GLU A 163 -38.93 -11.98 -2.88
CA GLU A 163 -39.75 -11.45 -1.79
C GLU A 163 -40.44 -10.14 -2.14
N SER A 164 -39.83 -9.31 -3.01
CA SER A 164 -40.34 -7.98 -3.29
C SER A 164 -40.67 -7.73 -4.75
N GLY A 165 -40.20 -8.58 -5.68
CA GLY A 165 -40.42 -8.36 -7.09
C GLY A 165 -39.44 -7.40 -7.74
N ILE A 166 -38.43 -6.94 -7.00
CA ILE A 166 -37.55 -5.87 -7.43
C ILE A 166 -36.44 -6.44 -8.30
N THR A 167 -36.31 -5.92 -9.51
CA THR A 167 -35.15 -6.24 -10.32
C THR A 167 -34.30 -4.98 -10.45
N ILE A 168 -32.99 -5.19 -10.48
CA ILE A 168 -32.01 -4.13 -10.59
C ILE A 168 -31.12 -4.52 -11.76
N GLU A 169 -31.25 -3.81 -12.88
CA GLU A 169 -30.51 -4.17 -14.07
C GLU A 169 -29.01 -4.23 -13.82
N GLY A 170 -28.37 -5.29 -14.33
CA GLY A 170 -26.96 -5.49 -14.18
C GLY A 170 -26.56 -6.08 -12.85
N VAL A 171 -27.47 -6.10 -11.88
CA VAL A 171 -27.22 -6.57 -10.52
C VAL A 171 -27.85 -7.95 -10.31
N ASN A 172 -29.17 -8.07 -10.48
CA ASN A 172 -29.81 -9.39 -10.54
C ASN A 172 -30.36 -9.70 -11.91
N THR A 173 -29.87 -9.03 -12.94
CA THR A 173 -30.08 -9.34 -14.34
C THR A 173 -28.74 -9.15 -15.05
N PRO A 174 -28.55 -9.76 -16.22
CA PRO A 174 -27.25 -9.70 -16.87
C PRO A 174 -27.06 -8.46 -17.72
N TYR A 175 -25.80 -8.02 -17.78
CA TYR A 175 -25.37 -6.95 -18.68
C TYR A 175 -24.33 -7.54 -19.63
N LEU A 176 -24.33 -7.09 -20.87
CA LEU A 176 -23.26 -7.38 -21.83
C LEU A 176 -22.39 -6.15 -22.04
N TYR A 177 -21.10 -6.42 -22.27
CA TYR A 177 -20.08 -5.39 -22.46
C TYR A 177 -19.33 -5.68 -23.75
N PHE A 178 -19.47 -4.81 -24.74
CA PHE A 178 -18.72 -4.95 -25.98
C PHE A 178 -17.51 -4.02 -25.94
N GLY A 179 -16.33 -4.61 -25.95
CA GLY A 179 -15.12 -3.86 -25.75
C GLY A 179 -14.39 -3.66 -27.05
N MET A 180 -13.52 -2.65 -27.04
CA MET A 180 -12.50 -2.44 -28.07
C MET A 180 -11.22 -2.06 -27.33
N TRP A 181 -10.14 -1.93 -28.07
CA TRP A 181 -8.86 -1.63 -27.44
C TRP A 181 -8.97 -0.38 -26.59
N LYS A 182 -8.41 -0.46 -25.38
CA LYS A 182 -8.19 0.72 -24.52
C LYS A 182 -9.47 1.11 -23.79
N THR A 183 -10.59 0.41 -23.97
CA THR A 183 -11.75 0.67 -23.13
C THR A 183 -11.50 0.18 -21.73
N SER A 184 -11.98 0.94 -20.74
CA SER A 184 -11.59 0.73 -19.36
C SER A 184 -12.76 0.49 -18.43
N PHE A 185 -12.48 -0.21 -17.33
CA PHE A 185 -13.38 -0.19 -16.18
C PHE A 185 -12.58 0.30 -14.98
N ALA A 186 -13.06 1.38 -14.38
CA ALA A 186 -12.39 2.05 -13.27
C ALA A 186 -12.50 1.24 -11.98
N TRP A 187 -11.71 1.67 -10.98
CA TRP A 187 -11.65 0.96 -9.70
C TRP A 187 -12.98 1.02 -8.98
N HIS A 188 -13.46 -0.13 -8.55
CA HIS A 188 -14.71 -0.18 -7.80
C HIS A 188 -14.83 -1.53 -7.12
N THR A 189 -15.68 -1.56 -6.08
CA THR A 189 -16.33 -2.77 -5.62
C THR A 189 -17.74 -2.80 -6.19
N GLU A 190 -18.41 -3.94 -6.07
CA GLU A 190 -19.77 -4.02 -6.62
C GLU A 190 -20.76 -3.23 -5.77
N ASP A 191 -21.90 -2.91 -6.37
CA ASP A 191 -23.00 -2.40 -5.57
C ASP A 191 -23.30 -3.32 -4.40
N MET A 192 -23.53 -2.70 -3.24
CA MET A 192 -23.76 -3.40 -1.96
C MET A 192 -22.62 -4.32 -1.59
N ASP A 193 -21.48 -4.14 -2.22
CA ASP A 193 -20.29 -4.98 -2.04
C ASP A 193 -20.61 -6.45 -2.27
N LEU A 194 -21.43 -6.72 -3.30
CA LEU A 194 -21.77 -8.07 -3.73
C LEU A 194 -20.58 -8.75 -4.40
N TYR A 195 -20.72 -10.05 -4.67
CA TYR A 195 -19.86 -10.76 -5.62
C TYR A 195 -20.26 -10.40 -7.05
N SER A 196 -19.37 -10.66 -8.00
CA SER A 196 -19.77 -10.61 -9.41
C SER A 196 -19.16 -11.79 -10.15
N ILE A 197 -19.81 -12.14 -11.24
CA ILE A 197 -19.34 -13.14 -12.17
C ILE A 197 -19.25 -12.50 -13.55
N ASN A 198 -18.21 -12.82 -14.28
CA ASN A 198 -17.86 -12.16 -15.52
C ASN A 198 -17.36 -13.22 -16.49
N TYR A 199 -18.05 -13.38 -17.61
CA TYR A 199 -17.68 -14.38 -18.60
C TYR A 199 -17.32 -13.70 -19.91
N LEU A 200 -16.15 -14.03 -20.44
CA LEU A 200 -15.70 -13.48 -21.72
C LEU A 200 -16.17 -14.41 -22.84
N HIS A 201 -17.25 -14.02 -23.53
CA HIS A 201 -17.82 -14.83 -24.60
C HIS A 201 -16.87 -15.03 -25.77
N PHE A 202 -16.29 -13.94 -26.28
CA PHE A 202 -15.42 -14.05 -27.46
C PHE A 202 -14.55 -12.81 -27.56
N GLY A 203 -13.53 -12.91 -28.40
CA GLY A 203 -12.71 -11.78 -28.68
C GLY A 203 -11.38 -11.75 -27.97
N GLU A 204 -10.78 -10.56 -27.98
CA GLU A 204 -9.47 -10.32 -27.40
C GLU A 204 -9.60 -10.28 -25.89
N PRO A 205 -8.48 -10.40 -25.18
CA PRO A 205 -8.51 -10.50 -23.73
C PRO A 205 -9.02 -9.25 -23.02
N LYS A 206 -9.27 -9.44 -21.73
CA LYS A 206 -9.60 -8.40 -20.77
C LYS A 206 -8.62 -8.54 -19.61
N SER A 207 -7.88 -7.49 -19.31
CA SER A 207 -6.92 -7.51 -18.22
C SER A 207 -7.48 -6.85 -16.98
N TRP A 208 -7.13 -7.42 -15.84
CA TRP A 208 -7.70 -7.10 -14.54
C TRP A 208 -6.59 -6.76 -13.56
N TYR A 209 -6.91 -5.83 -12.64
CA TYR A 209 -6.21 -5.56 -11.39
C TYR A 209 -7.16 -5.75 -10.23
N SER A 210 -6.62 -6.23 -9.11
CA SER A 210 -7.46 -6.50 -7.94
C SER A 210 -6.70 -6.16 -6.67
N VAL A 211 -7.42 -5.66 -5.68
CA VAL A 211 -6.85 -5.41 -4.36
C VAL A 211 -7.52 -6.34 -3.36
N PRO A 212 -6.77 -6.97 -2.48
CA PRO A 212 -7.41 -7.87 -1.47
C PRO A 212 -8.46 -7.14 -0.65
N PRO A 213 -9.63 -7.75 -0.43
CA PRO A 213 -10.64 -7.13 0.45
C PRO A 213 -10.07 -6.76 1.80
N GLU A 214 -9.23 -7.64 2.37
CA GLU A 214 -8.65 -7.31 3.66
C GLU A 214 -7.73 -6.10 3.61
N HIS A 215 -7.40 -5.57 2.43
CA HIS A 215 -6.64 -4.33 2.33
C HIS A 215 -7.37 -3.24 1.52
N GLY A 216 -8.68 -3.34 1.34
CA GLY A 216 -9.37 -2.32 0.54
C GLY A 216 -9.29 -0.93 1.12
N LYS A 217 -9.29 -0.84 2.46
CA LYS A 217 -9.25 0.46 3.10
C LYS A 217 -7.99 1.22 2.74
N ARG A 218 -6.91 0.49 2.47
CA ARG A 218 -5.67 1.13 2.08
C ARG A 218 -5.83 1.81 0.73
N LEU A 219 -6.47 1.14 -0.21
CA LEU A 219 -6.73 1.81 -1.48
C LEU A 219 -7.65 3.00 -1.29
N GLU A 220 -8.68 2.86 -0.45
CA GLU A 220 -9.56 4.00 -0.23
C GLU A 220 -8.80 5.20 0.34
N ARG A 221 -7.91 4.96 1.32
CA ARG A 221 -7.15 6.07 1.87
C ARG A 221 -6.35 6.77 0.79
N LEU A 222 -5.74 6.01 -0.12
CA LEU A 222 -4.99 6.62 -1.21
C LEU A 222 -5.90 7.46 -2.07
N ALA A 223 -7.06 6.92 -2.45
CA ALA A 223 -7.91 7.64 -3.38
C ALA A 223 -8.42 8.93 -2.77
N LYS A 224 -8.86 8.88 -1.51
CA LYS A 224 -9.37 10.08 -0.87
C LYS A 224 -8.28 11.14 -0.79
N GLY A 225 -7.04 10.72 -0.55
CA GLY A 225 -5.94 11.64 -0.51
C GLY A 225 -5.68 12.28 -1.85
N PHE A 226 -5.72 11.50 -2.91
CA PHE A 226 -5.34 12.06 -4.20
C PHE A 226 -6.52 12.68 -4.94
N PHE A 227 -7.76 12.44 -4.52
CA PHE A 227 -8.93 13.11 -5.09
C PHE A 227 -9.72 13.78 -3.99
N PRO A 228 -9.10 14.75 -3.31
CA PRO A 228 -9.74 15.33 -2.12
C PRO A 228 -11.06 15.99 -2.42
N GLY A 229 -11.23 16.51 -3.64
CA GLY A 229 -12.49 17.12 -4.02
C GLY A 229 -13.62 16.10 -3.96
N SER A 230 -13.45 15.01 -4.72
CA SER A 230 -14.43 13.93 -4.75
C SER A 230 -14.75 13.40 -3.36
N ALA A 231 -13.74 13.25 -2.50
CA ALA A 231 -14.00 12.71 -1.17
C ALA A 231 -14.86 13.63 -0.32
N GLN A 232 -14.75 14.95 -0.53
CA GLN A 232 -15.60 15.92 0.17
C GLN A 232 -17.05 15.79 -0.26
N SER A 233 -17.28 15.55 -1.56
CA SER A 233 -18.60 15.53 -2.16
C SER A 233 -19.33 14.20 -2.02
N CYS A 234 -18.63 13.09 -1.80
CA CYS A 234 -19.30 11.81 -1.70
C CYS A 234 -18.52 10.89 -0.78
N GLU A 235 -19.24 10.17 0.07
CA GLU A 235 -18.62 9.25 1.01
C GLU A 235 -18.06 8.00 0.34
N ALA A 236 -18.40 7.76 -0.91
CA ALA A 236 -17.99 6.55 -1.61
C ALA A 236 -17.85 6.87 -3.10
N PHE A 237 -17.04 7.87 -3.41
CA PHE A 237 -16.96 8.32 -4.79
C PHE A 237 -16.39 7.29 -5.75
N LEU A 238 -15.66 6.26 -5.27
CA LEU A 238 -15.20 5.24 -6.22
C LEU A 238 -16.38 4.52 -6.88
N ARG A 239 -17.57 4.52 -6.25
CA ARG A 239 -18.72 3.83 -6.86
C ARG A 239 -19.21 4.53 -8.12
N HIS A 240 -18.75 5.75 -8.37
CA HIS A 240 -19.10 6.44 -9.62
C HIS A 240 -18.41 5.81 -10.82
N LYS A 241 -17.44 4.91 -10.56
CA LYS A 241 -16.69 4.18 -11.59
C LYS A 241 -16.02 5.13 -12.57
N MET A 242 -15.43 6.22 -12.03
CA MET A 242 -14.71 7.17 -12.85
C MET A 242 -13.21 7.25 -12.57
N THR A 243 -12.70 6.54 -11.56
CA THR A 243 -11.35 6.75 -11.07
C THR A 243 -10.42 5.62 -11.49
N LEU A 244 -9.39 6.01 -12.26
CA LEU A 244 -8.37 5.09 -12.74
C LEU A 244 -7.04 5.38 -12.06
N ILE A 245 -6.34 4.31 -11.66
CA ILE A 245 -5.10 4.41 -10.90
C ILE A 245 -4.17 3.34 -11.44
N SER A 246 -2.97 3.74 -11.87
CA SER A 246 -2.09 2.79 -12.52
C SER A 246 -1.37 1.91 -11.50
N PRO A 247 -0.94 0.75 -11.95
CA PRO A 247 -0.21 -0.14 -11.05
C PRO A 247 1.07 0.48 -10.55
N LEU A 248 1.71 1.36 -11.33
CA LEU A 248 2.92 2.02 -10.85
C LEU A 248 2.60 2.94 -9.68
N MET A 249 1.44 3.59 -9.74
CA MET A 249 0.99 4.40 -8.62
CA MET A 249 0.99 4.40 -8.62
C MET A 249 0.69 3.55 -7.40
N LEU A 250 0.05 2.38 -7.59
CA LEU A 250 -0.20 1.52 -6.46
C LEU A 250 1.11 1.04 -5.81
N LYS A 251 2.10 0.71 -6.64
CA LYS A 251 3.38 0.29 -6.08
C LYS A 251 4.04 1.42 -5.32
N LYS A 252 3.99 2.64 -5.84
CA LYS A 252 4.67 3.76 -5.21
C LYS A 252 4.14 4.03 -3.80
N TYR A 253 2.90 3.68 -3.52
CA TYR A 253 2.32 3.92 -2.21
C TYR A 253 1.98 2.65 -1.44
N GLY A 254 2.54 1.52 -1.85
CA GLY A 254 2.44 0.28 -1.12
C GLY A 254 1.04 -0.26 -1.04
N ILE A 255 0.25 -0.10 -2.09
CA ILE A 255 -1.08 -0.69 -2.16
C ILE A 255 -0.93 -2.12 -2.68
N PRO A 256 -1.33 -3.13 -1.93
CA PRO A 256 -1.20 -4.50 -2.44
C PRO A 256 -2.18 -4.75 -3.58
N PHE A 257 -1.73 -5.44 -4.62
CA PHE A 257 -2.61 -5.78 -5.73
C PHE A 257 -2.00 -6.94 -6.51
N ASP A 258 -2.81 -7.54 -7.33
CA ASP A 258 -2.39 -8.55 -8.29
C ASP A 258 -2.99 -8.25 -9.65
N LYS A 259 -2.43 -8.85 -10.68
CA LYS A 259 -2.93 -8.68 -12.04
C LYS A 259 -3.24 -10.05 -12.62
N VAL A 260 -4.16 -10.07 -13.58
CA VAL A 260 -4.44 -11.28 -14.32
C VAL A 260 -5.06 -10.86 -15.63
N THR A 261 -4.81 -11.65 -16.67
CA THR A 261 -5.47 -11.50 -17.95
C THR A 261 -6.49 -12.62 -18.19
N GLN A 262 -7.69 -12.21 -18.53
CA GLN A 262 -8.80 -13.11 -18.81
C GLN A 262 -8.91 -13.35 -20.32
N GLU A 263 -8.88 -14.61 -20.72
CA GLU A 263 -8.97 -14.97 -22.13
C GLU A 263 -10.39 -15.42 -22.44
N ALA A 264 -10.73 -15.38 -23.74
CA ALA A 264 -12.07 -15.79 -24.15
C ALA A 264 -12.37 -17.19 -23.64
N GLY A 265 -13.59 -17.38 -23.13
CA GLY A 265 -14.04 -18.63 -22.57
C GLY A 265 -13.66 -18.90 -21.14
N GLU A 266 -13.16 -17.90 -20.41
CA GLU A 266 -12.84 -18.01 -18.99
C GLU A 266 -13.78 -17.14 -18.15
N PHE A 267 -14.05 -17.57 -16.92
CA PHE A 267 -14.80 -16.78 -15.98
C PHE A 267 -13.87 -16.03 -15.02
N MET A 268 -14.28 -14.84 -14.60
CA MET A 268 -13.66 -14.20 -13.45
C MET A 268 -14.71 -13.98 -12.37
N ILE A 269 -14.35 -14.28 -11.12
CA ILE A 269 -15.22 -14.05 -9.97
C ILE A 269 -14.63 -12.91 -9.15
N THR A 270 -15.43 -11.89 -8.84
CA THR A 270 -14.99 -10.92 -7.85
C THR A 270 -15.76 -11.19 -6.57
N PHE A 271 -15.15 -10.85 -5.45
CA PHE A 271 -15.60 -11.20 -4.11
C PHE A 271 -15.96 -9.95 -3.34
N PRO A 272 -16.78 -10.08 -2.29
CA PRO A 272 -17.26 -8.91 -1.57
C PRO A 272 -16.14 -8.02 -1.13
N TYR A 273 -16.31 -6.73 -1.45
CA TYR A 273 -15.35 -5.68 -1.10
C TYR A 273 -13.99 -5.88 -1.77
N GLY A 274 -13.99 -6.60 -2.88
CA GLY A 274 -12.81 -6.67 -3.71
C GLY A 274 -12.81 -5.59 -4.77
N TYR A 275 -11.93 -4.60 -4.62
CA TYR A 275 -11.74 -3.57 -5.63
C TYR A 275 -11.07 -4.16 -6.87
N HIS A 276 -11.60 -3.79 -8.03
CA HIS A 276 -11.03 -4.26 -9.30
C HIS A 276 -11.16 -3.15 -10.32
N ALA A 277 -10.33 -3.24 -11.33
CA ALA A 277 -10.24 -2.30 -12.45
C ALA A 277 -9.60 -3.06 -13.59
N GLY A 278 -9.65 -2.53 -14.80
CA GLY A 278 -8.96 -3.17 -15.91
C GLY A 278 -9.28 -2.52 -17.25
N PHE A 279 -8.97 -3.26 -18.32
CA PHE A 279 -9.09 -2.73 -19.67
C PHE A 279 -9.19 -3.87 -20.65
N ASN A 280 -9.80 -3.57 -21.79
CA ASN A 280 -9.89 -4.53 -22.88
C ASN A 280 -8.76 -4.42 -23.87
N HIS A 281 -8.32 -5.59 -24.35
CA HIS A 281 -7.24 -5.63 -25.34
C HIS A 281 -7.68 -5.24 -26.74
N GLY A 282 -8.96 -5.44 -27.07
CA GLY A 282 -9.42 -5.35 -28.44
C GLY A 282 -10.87 -5.71 -28.48
N PHE A 283 -11.40 -5.91 -29.69
CA PHE A 283 -12.82 -6.23 -29.82
C PHE A 283 -13.18 -7.49 -29.04
N ASN A 284 -14.21 -7.41 -28.20
CA ASN A 284 -14.58 -8.56 -27.37
C ASN A 284 -15.97 -8.32 -26.80
N CYS A 285 -16.48 -9.32 -26.11
CA CYS A 285 -17.83 -9.27 -25.55
C CYS A 285 -17.84 -10.06 -24.26
N ALA A 286 -18.25 -9.43 -23.15
CA ALA A 286 -18.30 -10.08 -21.85
C ALA A 286 -19.70 -9.98 -21.29
N GLU A 287 -20.07 -10.90 -20.40
CA GLU A 287 -21.37 -10.92 -19.74
C GLU A 287 -21.15 -10.92 -18.24
N SER A 288 -21.89 -10.09 -17.49
CA SER A 288 -21.63 -9.90 -16.06
C SER A 288 -22.94 -9.75 -15.27
N THR A 289 -22.90 -10.15 -14.01
CA THR A 289 -24.01 -9.87 -13.07
C THR A 289 -23.51 -10.09 -11.66
N ASN A 290 -24.33 -9.71 -10.69
CA ASN A 290 -23.96 -9.94 -9.29
C ASN A 290 -24.61 -11.20 -8.71
N PHE A 291 -24.04 -11.67 -7.60
CA PHE A 291 -24.60 -12.79 -6.86
C PHE A 291 -24.14 -12.69 -5.42
N ALA A 292 -24.69 -13.57 -4.59
CA ALA A 292 -24.32 -13.57 -3.18
C ALA A 292 -24.07 -14.97 -2.62
N THR A 293 -23.49 -14.99 -1.44
CA THR A 293 -23.45 -16.14 -0.53
C THR A 293 -23.88 -15.66 0.85
N ARG A 294 -23.99 -16.59 1.82
CA ARG A 294 -24.30 -16.17 3.18
C ARG A 294 -23.31 -15.17 3.74
N ARG A 295 -22.02 -15.33 3.41
CA ARG A 295 -20.97 -14.42 3.90
C ARG A 295 -21.23 -12.99 3.48
N TRP A 296 -21.90 -12.80 2.35
CA TRP A 296 -22.10 -11.46 1.80
C TRP A 296 -22.97 -10.62 2.70
N ILE A 297 -23.85 -11.26 3.49
CA ILE A 297 -24.86 -10.50 4.22
C ILE A 297 -24.21 -9.44 5.09
N GLU A 298 -23.16 -9.79 5.82
CA GLU A 298 -22.55 -8.78 6.67
C GLU A 298 -21.97 -7.64 5.83
N TYR A 299 -21.41 -7.96 4.66
CA TYR A 299 -20.88 -6.93 3.78
C TYR A 299 -21.97 -6.01 3.32
N GLY A 300 -23.14 -6.55 2.99
CA GLY A 300 -24.25 -5.70 2.56
C GLY A 300 -24.71 -4.78 3.67
N LYS A 301 -24.74 -5.28 4.90
CA LYS A 301 -25.13 -4.44 6.03
C LYS A 301 -24.19 -3.27 6.20
N GLN A 302 -22.91 -3.49 5.95
CA GLN A 302 -21.84 -2.53 6.27
C GLN A 302 -21.41 -1.73 5.06
N ALA A 303 -21.94 -2.02 3.88
CA ALA A 303 -21.46 -1.32 2.69
C ALA A 303 -21.65 0.18 2.85
N VAL A 304 -20.62 0.97 2.51
CA VAL A 304 -20.70 2.43 2.50
C VAL A 304 -21.15 2.88 1.11
N LEU A 305 -22.27 3.55 1.05
CA LEU A 305 -22.92 3.80 -0.23
C LEU A 305 -22.64 5.21 -0.73
N CYS A 306 -22.79 5.39 -2.04
CA CYS A 306 -22.69 6.71 -2.64
C CYS A 306 -23.72 7.63 -1.99
N SER A 307 -23.25 8.78 -1.50
CA SER A 307 -24.09 9.71 -0.77
C SER A 307 -24.53 10.90 -1.62
N CYS A 308 -24.08 10.99 -2.86
CA CYS A 308 -24.28 12.18 -3.68
C CYS A 308 -25.29 11.95 -4.80
N ARG A 309 -26.00 10.82 -4.75
CA ARG A 309 -27.07 10.46 -5.70
C ARG A 309 -26.56 10.09 -7.09
N LYS A 310 -25.26 10.17 -7.37
CA LYS A 310 -24.74 9.67 -8.65
C LYS A 310 -24.99 8.17 -8.84
N ASP A 311 -24.86 7.38 -7.76
CA ASP A 311 -25.10 5.93 -7.80
C ASP A 311 -26.28 5.59 -6.89
N MET A 312 -27.36 5.13 -7.49
CA MET A 312 -28.65 4.98 -6.84
C MET A 312 -28.93 3.57 -6.34
N VAL A 313 -28.03 2.61 -6.54
CA VAL A 313 -28.38 1.21 -6.26
C VAL A 313 -28.29 0.95 -4.76
N LYS A 314 -29.41 0.54 -4.17
CA LYS A 314 -29.43 0.25 -2.74
C LYS A 314 -30.36 -0.93 -2.54
N ILE A 315 -29.90 -1.96 -1.84
CA ILE A 315 -30.71 -3.15 -1.63
C ILE A 315 -31.08 -3.15 -0.16
N SER A 316 -32.33 -3.40 0.15
CA SER A 316 -32.74 -3.45 1.54
C SER A 316 -32.19 -4.73 2.17
N MET A 317 -31.45 -4.59 3.27
CA MET A 317 -30.86 -5.76 3.93
C MET A 317 -31.81 -6.46 4.89
N ASP A 318 -32.93 -5.83 5.23
CA ASP A 318 -33.82 -6.36 6.27
C ASP A 318 -34.20 -7.82 6.05
N VAL A 319 -34.52 -8.21 4.82
CA VAL A 319 -34.93 -9.59 4.58
C VAL A 319 -33.80 -10.57 4.88
N PHE A 320 -32.57 -10.19 4.56
CA PHE A 320 -31.43 -11.08 4.82
C PHE A 320 -31.15 -11.21 6.31
N VAL A 321 -31.21 -10.10 7.04
CA VAL A 321 -30.90 -10.15 8.46
C VAL A 321 -31.95 -10.96 9.20
N ARG A 322 -33.23 -10.77 8.86
CA ARG A 322 -34.29 -11.53 9.50
C ARG A 322 -34.13 -13.02 9.24
N LYS A 323 -33.86 -13.39 7.99
CA LYS A 323 -33.86 -14.79 7.64
C LYS A 323 -32.61 -15.51 8.13
N PHE A 324 -31.45 -14.84 8.07
CA PHE A 324 -30.16 -15.47 8.33
C PHE A 324 -29.50 -15.03 9.63
N GLN A 325 -29.92 -13.90 10.20
CA GLN A 325 -29.34 -13.37 11.44
C GLN A 325 -30.45 -13.00 12.42
N PRO A 326 -31.39 -13.91 12.67
CA PRO A 326 -32.52 -13.55 13.53
C PRO A 326 -32.08 -13.13 14.89
N GLU A 327 -30.95 -13.68 15.36
CA GLU A 327 -30.50 -13.36 16.70
C GLU A 327 -29.87 -11.97 16.79
N ARG A 328 -29.59 -11.33 15.66
CA ARG A 328 -29.07 -9.98 15.67
C ARG A 328 -30.03 -8.95 15.12
N TYR A 329 -31.22 -9.35 14.72
CA TYR A 329 -32.11 -8.44 14.00
C TYR A 329 -32.46 -7.22 14.83
N LYS A 330 -32.97 -7.42 16.05
CA LYS A 330 -33.41 -6.28 16.85
C LYS A 330 -32.23 -5.37 17.19
N LEU A 331 -31.08 -5.95 17.47
CA LEU A 331 -29.87 -5.16 17.67
C LEU A 331 -29.53 -4.33 16.42
N TRP A 332 -29.58 -4.96 15.26
CA TRP A 332 -29.23 -4.24 14.04
C TRP A 332 -30.20 -3.10 13.77
N LYS A 333 -31.51 -3.33 13.95
CA LYS A 333 -32.48 -2.26 13.74
C LYS A 333 -32.21 -1.08 14.68
N ALA A 334 -31.64 -1.34 15.85
CA ALA A 334 -31.41 -0.29 16.82
C ALA A 334 -30.08 0.41 16.62
N GLY A 335 -29.34 0.08 15.56
CA GLY A 335 -28.05 0.66 15.33
C GLY A 335 -26.98 0.19 16.28
N LYS A 336 -27.16 -0.97 16.91
CA LYS A 336 -26.22 -1.45 17.93
C LYS A 336 -25.53 -2.76 17.55
N ASP A 337 -25.57 -3.15 16.28
CA ASP A 337 -24.91 -4.39 15.83
C ASP A 337 -23.49 -4.03 15.44
N ASN A 338 -22.53 -4.29 16.33
CA ASN A 338 -21.14 -3.92 16.11
C ASN A 338 -20.30 -5.05 15.53
N THR A 339 -20.95 -5.98 14.81
CA THR A 339 -20.24 -7.11 14.20
C THR A 339 -19.09 -6.62 13.34
N VAL A 340 -17.92 -7.26 13.48
CA VAL A 340 -16.74 -6.91 12.69
C VAL A 340 -16.49 -8.00 11.65
N ILE A 341 -16.19 -7.58 10.42
CA ILE A 341 -15.91 -8.53 9.35
C ILE A 341 -14.47 -8.99 9.40
N ASP A 342 -14.27 -10.27 9.37
CA ASP A 342 -12.95 -10.88 9.17
C ASP A 342 -12.88 -11.30 7.70
N HIS A 343 -12.17 -10.52 6.89
CA HIS A 343 -12.14 -10.75 5.45
C HIS A 343 -11.50 -12.06 5.07
N THR A 344 -10.75 -12.72 5.98
CA THR A 344 -10.12 -13.95 5.59
C THR A 344 -11.04 -15.15 5.68
N LEU A 345 -12.16 -15.03 6.41
CA LEU A 345 -12.99 -16.21 6.63
C LEU A 345 -13.72 -16.61 5.36
N PRO A 346 -13.80 -17.90 5.06
CA PRO A 346 -14.62 -18.36 3.93
C PRO A 346 -16.09 -18.41 4.32
N THR A 347 -16.92 -18.46 3.30
CA THR A 347 -18.36 -18.45 3.55
C THR A 347 -18.76 -19.76 4.23
N PRO A 348 -19.79 -19.72 5.09
CA PRO A 348 -20.15 -20.92 5.86
C PRO A 348 -20.45 -22.16 5.01
N GLU A 349 -20.96 -22.00 3.82
CA GLU A 349 -21.26 -23.15 2.98
C GLU A 349 -20.01 -23.94 2.63
N ALA A 350 -18.83 -23.38 2.86
CA ALA A 350 -17.55 -24.04 2.58
C ALA A 350 -17.19 -25.09 3.62
N ALA A 351 -17.95 -25.18 4.72
CA ALA A 351 -17.60 -26.04 5.84
C ALA A 351 -17.27 -27.47 5.43
N GLU A 352 -18.05 -28.05 4.52
CA GLU A 352 -17.84 -29.44 4.15
C GLU A 352 -16.44 -29.71 3.59
N PHE A 353 -15.76 -28.68 3.09
CA PHE A 353 -14.47 -28.88 2.43
C PHE A 353 -13.27 -28.74 3.39
N SER B 11 0.10 16.19 0.10
CA SER B 11 -0.19 15.01 0.91
C SER B 11 0.96 14.64 1.86
N ALA B 12 2.20 14.65 1.35
CA ALA B 12 3.37 14.34 2.17
C ALA B 12 3.41 12.86 2.59
N ARG B 13 2.93 11.98 1.71
CA ARG B 13 2.86 10.56 2.03
C ARG B 13 4.14 9.86 1.63
N ILE B 14 4.47 8.83 2.40
CA ILE B 14 5.69 8.08 2.20
C ILE B 14 5.62 7.32 0.89
N MET B 15 6.61 7.55 0.03
CA MET B 15 6.77 6.86 -1.24
C MET B 15 7.69 5.68 -1.13
N THR B 16 7.42 4.69 -1.97
CA THR B 16 8.30 3.56 -2.20
C THR B 16 8.82 3.54 -3.64
N PHE B 17 10.11 3.26 -3.77
CA PHE B 17 10.80 3.26 -5.06
C PHE B 17 11.45 1.92 -5.35
N TYR B 18 11.53 1.59 -6.64
CA TYR B 18 12.00 0.29 -7.13
C TYR B 18 13.03 0.49 -8.23
N PRO B 19 14.21 0.97 -7.88
CA PRO B 19 15.27 1.18 -8.89
C PRO B 19 15.69 -0.09 -9.62
N THR B 20 15.99 0.07 -10.91
CA THR B 20 16.74 -0.93 -11.65
C THR B 20 18.18 -0.97 -11.15
N MET B 21 18.92 -2.00 -11.55
CA MET B 21 20.32 -2.04 -11.17
C MET B 21 21.07 -0.81 -11.70
N GLU B 22 20.80 -0.39 -12.94
CA GLU B 22 21.53 0.77 -13.45
C GLU B 22 21.27 2.01 -12.61
N GLU B 23 20.02 2.22 -12.21
CA GLU B 23 19.69 3.40 -11.40
C GLU B 23 20.27 3.29 -10.00
N PHE B 24 20.42 2.06 -9.51
CA PHE B 24 20.83 1.80 -8.14
C PHE B 24 22.31 2.10 -7.95
N ARG B 25 23.10 2.04 -9.02
CA ARG B 25 24.55 2.08 -8.86
C ARG B 25 25.03 3.40 -8.27
N ASN B 26 24.38 4.52 -8.61
CA ASN B 26 24.87 5.83 -8.19
C ASN B 26 23.97 6.34 -7.07
N PHE B 27 24.45 6.19 -5.83
CA PHE B 27 23.64 6.46 -4.66
C PHE B 27 23.16 7.90 -4.62
N SER B 28 24.08 8.87 -4.71
CA SER B 28 23.68 10.26 -4.55
C SER B 28 22.73 10.69 -5.66
N ARG B 29 22.99 10.24 -6.89
CA ARG B 29 22.10 10.56 -7.99
C ARG B 29 20.71 9.98 -7.75
N TYR B 30 20.62 8.79 -7.17
CA TYR B 30 19.30 8.25 -6.96
C TYR B 30 18.59 9.01 -5.85
N ILE B 31 19.32 9.49 -4.82
CA ILE B 31 18.68 10.32 -3.80
C ILE B 31 18.15 11.58 -4.45
N ALA B 32 18.95 12.20 -5.33
CA ALA B 32 18.49 13.38 -6.04
C ALA B 32 17.22 13.04 -6.81
N TYR B 33 17.18 11.88 -7.46
CA TYR B 33 16.00 11.53 -8.24
C TYR B 33 14.74 11.43 -7.36
N ILE B 34 14.84 10.70 -6.23
CA ILE B 34 13.65 10.55 -5.42
C ILE B 34 13.21 11.91 -4.88
N GLU B 35 14.14 12.82 -4.64
CA GLU B 35 13.71 14.14 -4.22
C GLU B 35 13.04 14.87 -5.37
N SER B 36 13.53 14.65 -6.61
CA SER B 36 12.86 15.26 -7.76
C SER B 36 11.41 14.80 -7.85
N GLN B 37 11.09 13.66 -7.26
CA GLN B 37 9.73 13.11 -7.21
C GLN B 37 8.98 13.52 -5.96
N GLY B 38 9.57 14.36 -5.12
CA GLY B 38 8.92 14.86 -3.92
C GLY B 38 9.02 13.96 -2.71
N ALA B 39 9.83 12.90 -2.76
CA ALA B 39 9.89 11.93 -1.67
C ALA B 39 10.22 12.59 -0.34
N HIS B 40 11.04 13.65 -0.34
CA HIS B 40 11.49 14.21 0.91
C HIS B 40 10.38 14.88 1.70
N ARG B 41 9.27 15.21 1.07
CA ARG B 41 8.25 15.95 1.80
C ARG B 41 7.68 15.10 2.92
N ALA B 42 7.68 13.79 2.77
CA ALA B 42 7.14 12.94 3.82
C ALA B 42 8.11 12.77 5.00
N GLY B 43 9.40 13.05 4.80
CA GLY B 43 10.39 12.81 5.86
C GLY B 43 11.02 11.44 5.83
N LEU B 44 10.42 10.51 5.12
CA LEU B 44 10.79 9.11 5.09
C LEU B 44 10.42 8.54 3.73
N ALA B 45 11.29 7.71 3.17
CA ALA B 45 10.99 7.00 1.95
C ALA B 45 11.55 5.61 2.02
N LYS B 46 10.91 4.71 1.30
CA LYS B 46 11.35 3.33 1.21
C LYS B 46 11.97 3.12 -0.16
N VAL B 47 13.11 2.39 -0.18
CA VAL B 47 13.72 1.99 -1.42
C VAL B 47 13.93 0.48 -1.41
N VAL B 48 13.33 -0.21 -2.39
CA VAL B 48 13.49 -1.66 -2.55
C VAL B 48 14.58 -1.91 -3.59
N PRO B 49 15.66 -2.60 -3.26
CA PRO B 49 16.75 -2.76 -4.22
C PRO B 49 16.39 -3.79 -5.28
N PRO B 50 17.10 -3.80 -6.40
CA PRO B 50 16.86 -4.84 -7.40
C PRO B 50 17.07 -6.24 -6.82
N LYS B 51 16.19 -7.16 -7.22
CA LYS B 51 16.22 -8.54 -6.72
C LYS B 51 17.62 -9.12 -6.77
N GLU B 52 18.41 -8.68 -7.75
CA GLU B 52 19.73 -9.20 -8.08
C GLU B 52 20.77 -8.89 -7.02
N TRP B 53 20.51 -7.88 -6.20
CA TRP B 53 21.51 -7.30 -5.32
C TRP B 53 21.43 -7.93 -3.94
N LYS B 54 22.59 -8.22 -3.37
CA LYS B 54 22.74 -8.87 -2.08
C LYS B 54 23.91 -8.10 -1.47
N PRO B 55 23.80 -7.55 -0.27
CA PRO B 55 24.97 -6.91 0.37
C PRO B 55 25.89 -7.92 1.02
N ARG B 56 25.40 -9.15 1.19
CA ARG B 56 26.17 -10.21 1.85
C ARG B 56 25.66 -11.54 1.31
N ALA B 57 26.57 -12.49 1.14
CA ALA B 57 26.17 -13.79 0.60
C ALA B 57 25.34 -14.57 1.62
N SER B 58 25.75 -14.61 2.89
CA SER B 58 24.92 -15.23 3.92
C SER B 58 25.25 -14.65 5.29
N TYR B 59 24.28 -14.77 6.20
CA TYR B 59 24.34 -14.26 7.57
C TYR B 59 24.40 -15.41 8.58
N ASP B 60 25.13 -16.44 8.23
CA ASP B 60 25.27 -17.60 9.10
C ASP B 60 26.63 -17.62 9.77
N ASP B 61 27.46 -16.61 9.55
CA ASP B 61 28.79 -16.58 10.13
C ASP B 61 28.97 -15.46 11.16
N ILE B 62 27.88 -15.01 11.79
CA ILE B 62 27.90 -13.86 12.69
C ILE B 62 27.47 -14.18 14.10
N ASP B 63 27.21 -15.44 14.44
CA ASP B 63 26.76 -15.78 15.78
C ASP B 63 27.75 -15.34 16.86
N ASP B 64 29.06 -15.22 16.54
CA ASP B 64 30.07 -14.79 17.52
C ASP B 64 30.29 -13.27 17.59
N LEU B 65 29.65 -12.51 16.73
CA LEU B 65 29.73 -11.06 16.83
C LEU B 65 29.24 -10.59 18.19
N VAL B 66 29.99 -9.65 18.76
CA VAL B 66 29.72 -9.17 20.10
C VAL B 66 28.89 -7.90 20.01
N ILE B 67 27.82 -7.84 20.81
CA ILE B 67 26.99 -6.66 21.08
C ILE B 67 27.45 -6.08 22.40
N PRO B 68 28.27 -5.02 22.41
CA PRO B 68 28.98 -4.67 23.65
C PRO B 68 28.08 -4.11 24.74
N ALA B 69 26.95 -3.50 24.36
CA ALA B 69 26.16 -2.69 25.28
C ALA B 69 24.66 -2.82 24.99
N PRO B 70 24.10 -4.02 25.12
CA PRO B 70 22.64 -4.14 25.00
C PRO B 70 21.92 -3.27 26.02
N ILE B 71 20.75 -2.79 25.62
CA ILE B 71 20.00 -1.80 26.36
C ILE B 71 18.67 -2.41 26.72
N GLN B 72 18.36 -2.51 28.00
CA GLN B 72 17.01 -2.85 28.42
C GLN B 72 16.16 -1.59 28.47
N GLN B 73 15.02 -1.61 27.79
CA GLN B 73 14.23 -0.39 27.55
C GLN B 73 13.02 -0.36 28.49
N LEU B 74 13.18 0.36 29.62
CA LEU B 74 12.07 0.65 30.52
C LEU B 74 11.27 1.85 30.03
N VAL B 75 9.95 1.74 30.07
CA VAL B 75 9.07 2.80 29.56
C VAL B 75 8.02 3.12 30.60
N THR B 76 7.83 4.40 30.86
CA THR B 76 6.85 4.88 31.84
C THR B 76 5.98 5.93 31.14
N GLY B 77 4.69 5.84 31.34
CA GLY B 77 3.80 6.83 30.75
C GLY B 77 2.37 6.37 30.73
N GLN B 78 1.53 7.21 30.15
CA GLN B 78 0.09 6.96 30.08
C GLN B 78 -0.45 7.83 28.98
N SER B 79 -1.63 7.45 28.48
CA SER B 79 -2.39 8.34 27.60
C SER B 79 -1.63 8.66 26.32
N GLY B 80 -0.89 7.68 25.81
CA GLY B 80 -0.17 7.86 24.59
C GLY B 80 1.16 8.60 24.70
N LEU B 81 1.56 9.01 25.89
CA LEU B 81 2.79 9.78 26.07
C LEU B 81 3.70 9.04 27.02
N PHE B 82 4.94 8.79 26.60
CA PHE B 82 5.82 7.98 27.39
C PHE B 82 7.27 8.45 27.32
N THR B 83 8.02 8.11 28.36
CA THR B 83 9.46 8.33 28.43
C THR B 83 10.18 6.99 28.58
N GLN B 84 11.22 6.80 27.78
CA GLN B 84 11.99 5.56 27.77
C GLN B 84 13.30 5.75 28.49
N TYR B 85 13.56 4.87 29.44
CA TYR B 85 14.77 4.85 30.25
C TYR B 85 15.58 3.60 29.89
N ASN B 86 16.86 3.79 29.66
CA ASN B 86 17.78 2.71 29.31
C ASN B 86 18.51 2.17 30.52
N ILE B 87 18.59 0.87 30.59
CA ILE B 87 19.43 0.17 31.54
C ILE B 87 20.42 -0.65 30.72
N GLN B 88 21.71 -0.39 30.88
CA GLN B 88 22.72 -1.09 30.10
C GLN B 88 22.94 -2.46 30.71
N LYS B 89 22.90 -3.48 29.88
CA LYS B 89 23.19 -4.83 30.32
C LYS B 89 24.57 -5.23 29.82
N LYS B 90 24.99 -6.40 30.33
CA LYS B 90 26.28 -6.98 30.01
C LYS B 90 26.37 -7.33 28.53
N ALA B 91 27.59 -7.24 27.99
CA ALA B 91 27.81 -7.65 26.61
C ALA B 91 27.30 -9.06 26.37
N MET B 92 26.87 -9.31 25.14
CA MET B 92 26.47 -10.64 24.71
C MET B 92 26.71 -10.78 23.21
N THR B 93 26.72 -12.03 22.76
CA THR B 93 26.90 -12.33 21.35
C THR B 93 25.55 -12.35 20.61
N VAL B 94 25.63 -12.21 19.29
CA VAL B 94 24.42 -12.34 18.50
C VAL B 94 23.69 -13.63 18.84
N ARG B 95 24.44 -14.70 19.10
CA ARG B 95 23.84 -16.01 19.37
C ARG B 95 22.99 -15.97 20.64
N GLU B 96 23.57 -15.47 21.73
CA GLU B 96 22.84 -15.27 22.98
C GLU B 96 21.64 -14.38 22.77
N PHE B 97 21.82 -13.28 22.03
CA PHE B 97 20.72 -12.35 21.82
C PHE B 97 19.59 -13.02 21.05
N ARG B 98 19.90 -13.69 19.95
CA ARG B 98 18.84 -14.35 19.19
C ARG B 98 18.06 -15.33 20.09
N LYS B 99 18.76 -16.08 20.92
CA LYS B 99 18.08 -17.04 21.79
C LYS B 99 17.07 -16.34 22.69
N ILE B 100 17.48 -15.21 23.30
CA ILE B 100 16.57 -14.45 24.16
C ILE B 100 15.41 -13.90 23.35
N ALA B 101 15.72 -13.25 22.23
CA ALA B 101 14.66 -12.64 21.43
C ALA B 101 13.58 -13.65 21.07
N ASN B 102 13.98 -14.90 20.78
CA ASN B 102 13.04 -15.90 20.29
C ASN B 102 12.41 -16.71 21.41
N SER B 103 12.90 -16.54 22.64
CA SER B 103 12.32 -17.25 23.76
C SER B 103 10.88 -16.80 23.97
N ASP B 104 10.15 -17.58 24.79
CA ASP B 104 8.75 -17.26 24.99
C ASP B 104 8.58 -15.95 25.73
N LYS B 105 9.50 -15.63 26.65
CA LYS B 105 9.38 -14.39 27.41
C LYS B 105 9.30 -13.18 26.47
N TYR B 106 10.14 -13.15 25.42
CA TYR B 106 10.32 -11.94 24.60
C TYR B 106 9.78 -12.01 23.19
N CYS B 107 9.35 -13.17 22.72
CA CYS B 107 9.02 -13.31 21.30
C CYS B 107 7.73 -12.59 20.89
N THR B 108 7.61 -12.40 19.58
CA THR B 108 6.46 -11.68 19.05
C THR B 108 5.15 -12.39 19.42
N PRO B 109 4.13 -11.64 19.81
CA PRO B 109 2.82 -12.25 20.11
C PRO B 109 2.03 -12.59 18.84
N ARG B 110 0.89 -13.26 19.03
CA ARG B 110 0.01 -13.55 17.89
C ARG B 110 -0.68 -12.30 17.38
N TYR B 111 -0.85 -12.23 16.07
CA TYR B 111 -1.52 -11.09 15.46
C TYR B 111 -2.09 -11.53 14.11
N SER B 112 -3.26 -10.99 13.77
CA SER B 112 -3.89 -11.29 12.49
C SER B 112 -3.32 -10.40 11.38
N GLU B 113 -2.92 -9.19 11.70
CA GLU B 113 -2.37 -8.26 10.72
C GLU B 113 -1.70 -7.13 11.51
N PHE B 114 -1.10 -6.19 10.78
CA PHE B 114 -0.29 -5.19 11.46
C PHE B 114 -1.13 -4.28 12.34
N GLU B 115 -2.42 -4.06 12.02
CA GLU B 115 -3.22 -3.20 12.89
C GLU B 115 -3.27 -3.79 14.29
N GLU B 116 -3.42 -5.11 14.41
CA GLU B 116 -3.50 -5.70 15.73
C GLU B 116 -2.16 -5.65 16.43
N LEU B 117 -1.06 -5.89 15.69
CA LEU B 117 0.25 -5.86 16.32
C LEU B 117 0.58 -4.45 16.80
N GLU B 118 0.28 -3.45 15.98
CA GLU B 118 0.40 -2.06 16.41
C GLU B 118 -0.37 -1.82 17.69
N ARG B 119 -1.65 -2.24 17.75
CA ARG B 119 -2.40 -2.10 18.99
C ARG B 119 -1.70 -2.80 20.16
N LYS B 120 -1.16 -3.99 19.93
CA LYS B 120 -0.48 -4.71 21.01
C LYS B 120 0.78 -3.99 21.46
N TYR B 121 1.48 -3.36 20.53
CA TYR B 121 2.65 -2.57 20.90
C TYR B 121 2.27 -1.42 21.82
N TRP B 122 1.31 -0.59 21.42
CA TRP B 122 0.97 0.58 22.22
C TRP B 122 0.28 0.20 23.53
N LYS B 123 -0.32 -0.97 23.59
CA LYS B 123 -0.94 -1.39 24.84
C LYS B 123 0.04 -2.02 25.81
N ASN B 124 1.12 -2.65 25.32
CA ASN B 124 2.07 -3.34 26.15
C ASN B 124 3.46 -2.70 26.24
N LEU B 125 3.60 -1.48 25.71
CA LEU B 125 4.85 -0.72 25.67
C LEU B 125 5.55 -0.68 27.02
N THR B 126 4.79 -0.47 28.08
CA THR B 126 5.38 -0.29 29.40
C THR B 126 5.52 -1.59 30.19
N PHE B 127 5.13 -2.75 29.66
CA PHE B 127 5.29 -4.02 30.36
C PHE B 127 6.43 -4.84 29.76
N ASN B 128 6.95 -5.75 30.55
CA ASN B 128 7.98 -6.69 30.09
CA ASN B 128 7.97 -6.69 30.08
C ASN B 128 9.04 -6.02 29.23
N PRO B 129 9.90 -5.19 29.82
CA PRO B 129 10.86 -4.41 29.04
C PRO B 129 11.75 -5.32 28.23
N PRO B 130 11.94 -5.03 26.95
CA PRO B 130 12.81 -5.83 26.08
C PRO B 130 14.25 -5.32 26.09
N ILE B 131 15.12 -6.08 25.41
CA ILE B 131 16.53 -5.72 25.26
C ILE B 131 16.80 -5.41 23.78
N TYR B 132 17.40 -4.23 23.51
CA TYR B 132 17.78 -3.78 22.17
C TYR B 132 19.30 -3.82 22.03
N GLY B 133 19.80 -4.60 21.07
CA GLY B 133 21.22 -4.59 20.79
C GLY B 133 21.60 -3.44 19.88
N ALA B 134 21.53 -2.22 20.40
CA ALA B 134 21.62 -0.98 19.63
C ALA B 134 23.03 -0.43 19.57
N ASP B 135 23.28 0.37 18.54
CA ASP B 135 24.52 1.14 18.41
C ASP B 135 25.79 0.31 18.41
N VAL B 136 25.79 -0.82 17.70
CA VAL B 136 26.98 -1.68 17.59
C VAL B 136 27.84 -1.16 16.44
N ASN B 137 29.06 -0.77 16.73
CA ASN B 137 29.96 -0.35 15.66
C ASN B 137 30.22 -1.52 14.74
N GLY B 138 29.92 -1.37 13.45
CA GLY B 138 30.18 -2.46 12.54
C GLY B 138 29.31 -2.39 11.30
N THR B 139 29.66 -3.25 10.35
CA THR B 139 28.91 -3.37 9.09
C THR B 139 28.77 -4.85 8.79
N LEU B 140 27.69 -5.21 8.13
CA LEU B 140 27.55 -6.57 7.62
C LEU B 140 27.73 -6.65 6.11
N TYR B 141 28.04 -5.54 5.46
CA TYR B 141 28.33 -5.59 4.02
C TYR B 141 29.63 -6.32 3.74
N GLU B 142 29.62 -7.20 2.75
CA GLU B 142 30.87 -7.72 2.21
C GLU B 142 31.66 -6.58 1.57
N LYS B 143 32.98 -6.67 1.68
CA LYS B 143 33.81 -5.49 1.45
C LYS B 143 33.82 -5.03 -0.02
N HIS B 144 33.46 -5.89 -0.96
CA HIS B 144 33.49 -5.55 -2.38
C HIS B 144 32.15 -5.05 -2.92
N VAL B 145 31.15 -4.86 -2.08
CA VAL B 145 29.85 -4.38 -2.54
C VAL B 145 29.92 -2.87 -2.74
N ASP B 146 29.77 -2.43 -3.98
CA ASP B 146 29.99 -1.03 -4.34
C ASP B 146 28.69 -0.22 -4.38
N GLU B 147 27.54 -0.85 -4.32
CA GLU B 147 26.26 -0.18 -4.48
C GLU B 147 25.60 -0.04 -3.11
N TRP B 148 25.24 1.18 -2.76
CA TRP B 148 24.53 1.48 -1.50
C TRP B 148 25.26 0.87 -0.29
N ASN B 149 26.60 1.01 -0.28
CA ASN B 149 27.35 0.47 0.84
C ASN B 149 27.41 1.46 1.99
N ILE B 150 26.71 1.12 3.07
CA ILE B 150 26.48 2.04 4.19
C ILE B 150 27.80 2.48 4.82
N GLY B 151 28.85 1.66 4.70
CA GLY B 151 30.15 2.10 5.19
C GLY B 151 30.92 3.05 4.30
N ARG B 152 30.45 3.30 3.08
CA ARG B 152 31.18 4.18 2.18
C ARG B 152 30.27 4.74 1.08
N LEU B 153 29.30 5.57 1.46
CA LEU B 153 28.35 6.11 0.50
C LEU B 153 28.96 7.17 -0.42
N ARG B 154 30.05 7.80 -0.03
CA ARG B 154 30.66 8.87 -0.82
C ARG B 154 29.65 9.99 -1.04
N THR B 155 29.21 10.59 0.06
CA THR B 155 28.49 11.85 -0.03
C THR B 155 29.37 12.93 0.58
N ILE B 156 28.92 14.17 0.39
CA ILE B 156 29.70 15.29 0.87
C ILE B 156 29.84 15.29 2.38
N LEU B 157 29.07 14.48 3.10
CA LEU B 157 29.36 14.31 4.51
C LEU B 157 30.79 13.93 4.77
N ASP B 158 31.42 13.25 3.82
CA ASP B 158 32.79 12.78 4.05
C ASP B 158 33.77 13.92 4.24
N LEU B 159 33.34 15.16 3.98
CA LEU B 159 34.21 16.32 4.20
C LEU B 159 34.50 16.54 5.66
N VAL B 160 33.69 15.98 6.54
CA VAL B 160 33.97 16.06 7.96
C VAL B 160 35.21 15.26 8.31
N GLU B 161 35.28 14.01 7.87
CA GLU B 161 36.47 13.23 8.14
C GLU B 161 37.68 13.82 7.41
N LYS B 162 37.52 14.07 6.11
CA LYS B 162 38.62 14.56 5.30
C LYS B 162 39.24 15.84 5.87
N GLU B 163 38.39 16.78 6.29
CA GLU B 163 38.92 18.04 6.78
C GLU B 163 39.59 17.89 8.14
N SER B 164 38.97 17.12 9.03
CA SER B 164 39.33 17.14 10.44
C SER B 164 39.74 15.76 10.96
N GLY B 165 39.89 14.77 10.09
CA GLY B 165 40.16 13.41 10.53
C GLY B 165 39.15 12.89 11.52
N ILE B 166 38.00 13.57 11.63
CA ILE B 166 37.00 13.25 12.64
C ILE B 166 36.09 12.14 12.13
N THR B 167 36.06 11.03 12.84
CA THR B 167 35.02 10.02 12.66
C THR B 167 34.04 10.16 13.83
N ILE B 168 32.76 10.12 13.52
CA ILE B 168 31.69 10.27 14.50
C ILE B 168 30.89 8.98 14.41
N GLU B 169 31.09 8.07 15.36
CA GLU B 169 30.62 6.71 15.14
C GLU B 169 29.09 6.65 15.19
N GLY B 170 28.54 5.87 14.26
CA GLY B 170 27.13 5.92 13.95
C GLY B 170 26.73 7.07 13.04
N VAL B 171 27.58 8.07 12.85
CA VAL B 171 27.24 9.27 12.08
C VAL B 171 27.89 9.26 10.68
N ASN B 172 29.23 9.32 10.63
CA ASN B 172 29.89 8.95 9.38
C ASN B 172 30.50 7.54 9.44
N THR B 173 30.03 6.69 10.34
CA THR B 173 30.39 5.28 10.35
C THR B 173 29.14 4.48 10.64
N PRO B 174 29.14 3.20 10.32
CA PRO B 174 27.89 2.44 10.42
C PRO B 174 27.66 1.87 11.80
N TYR B 175 26.38 1.71 12.12
CA TYR B 175 25.94 1.08 13.35
C TYR B 175 25.00 -0.07 12.99
N LEU B 176 25.08 -1.15 13.73
CA LEU B 176 24.16 -2.27 13.63
C LEU B 176 23.17 -2.20 14.79
N TYR B 177 21.95 -2.65 14.53
CA TYR B 177 20.86 -2.68 15.51
C TYR B 177 20.21 -4.06 15.49
N PHE B 178 20.40 -4.84 16.55
CA PHE B 178 19.77 -6.14 16.70
C PHE B 178 18.51 -5.96 17.54
N GLY B 179 17.36 -6.17 16.89
CA GLY B 179 16.07 -5.97 17.50
C GLY B 179 15.46 -7.24 18.05
N MET B 180 14.49 -7.04 18.95
CA MET B 180 13.53 -8.07 19.30
C MET B 180 12.17 -7.40 19.35
N TRP B 181 11.13 -8.21 19.55
CA TRP B 181 9.80 -7.68 19.63
C TRP B 181 9.76 -6.52 20.62
N LYS B 182 9.09 -5.44 20.22
CA LYS B 182 8.69 -4.37 21.14
C LYS B 182 9.85 -3.45 21.43
N THR B 183 11.07 -3.71 20.94
CA THR B 183 12.12 -2.71 21.04
C THR B 183 11.77 -1.49 20.19
N SER B 184 12.15 -0.31 20.66
CA SER B 184 11.60 0.94 20.12
C SER B 184 12.70 1.92 19.76
N PHE B 185 12.42 2.80 18.82
CA PHE B 185 13.22 4.02 18.65
C PHE B 185 12.28 5.21 18.82
N ALA B 186 12.62 6.10 19.74
CA ALA B 186 11.78 7.24 20.11
C ALA B 186 11.83 8.32 19.01
N TRP B 187 10.92 9.28 19.13
CA TRP B 187 10.80 10.35 18.15
C TRP B 187 12.07 11.19 18.12
N HIS B 188 12.61 11.43 16.90
CA HIS B 188 13.81 12.24 16.75
C HIS B 188 14.03 12.58 15.29
N THR B 189 14.84 13.63 15.07
CA THR B 189 15.56 13.81 13.81
C THR B 189 17.03 13.38 14.01
N GLU B 190 17.75 13.27 12.89
CA GLU B 190 19.15 12.89 13.00
C GLU B 190 19.98 14.00 13.64
N ASP B 191 21.15 13.61 14.15
CA ASP B 191 22.10 14.63 14.59
C ASP B 191 22.37 15.59 13.45
N MET B 192 22.46 16.88 13.78
CA MET B 192 22.65 17.95 12.82
C MET B 192 21.59 17.98 11.76
N ASP B 193 20.45 17.31 12.01
CA ASP B 193 19.36 17.17 11.05
C ASP B 193 19.83 16.64 9.71
N LEU B 194 20.71 15.67 9.75
CA LEU B 194 21.23 14.96 8.60
C LEU B 194 20.18 14.03 8.01
N TYR B 195 20.46 13.53 6.80
CA TYR B 195 19.78 12.35 6.30
C TYR B 195 20.25 11.11 7.06
N SER B 196 19.45 10.06 7.05
CA SER B 196 19.98 8.74 7.41
C SER B 196 19.54 7.70 6.38
N ILE B 197 20.32 6.63 6.34
CA ILE B 197 20.01 5.43 5.54
C ILE B 197 19.98 4.26 6.50
N ASN B 198 19.06 3.33 6.26
CA ASN B 198 18.74 2.24 7.18
C ASN B 198 18.37 1.00 6.38
N TYR B 199 19.18 -0.04 6.49
CA TYR B 199 18.95 -1.26 5.73
C TYR B 199 18.63 -2.39 6.69
N LEU B 200 17.49 -3.08 6.45
CA LEU B 200 17.14 -4.25 7.25
C LEU B 200 17.75 -5.51 6.62
N HIS B 201 18.86 -6.00 7.23
CA HIS B 201 19.63 -7.11 6.69
C HIS B 201 18.86 -8.42 6.71
N PHE B 202 18.18 -8.71 7.81
CA PHE B 202 17.41 -9.92 7.92
C PHE B 202 16.46 -9.80 9.09
N GLY B 203 15.50 -10.70 9.12
CA GLY B 203 14.66 -10.87 10.26
C GLY B 203 13.26 -10.34 10.08
N GLU B 204 12.56 -10.18 11.21
CA GLU B 204 11.22 -9.67 11.21
C GLU B 204 11.20 -8.16 10.94
N PRO B 205 10.03 -7.60 10.65
CA PRO B 205 9.98 -6.22 10.14
C PRO B 205 10.27 -5.17 11.18
N LYS B 206 10.42 -3.95 10.66
CA LYS B 206 10.59 -2.74 11.45
C LYS B 206 9.54 -1.73 11.00
N SER B 207 8.68 -1.32 11.93
CA SER B 207 7.64 -0.36 11.61
C SER B 207 8.11 1.05 11.94
N TRP B 208 7.68 1.99 11.11
CA TRP B 208 8.06 3.38 11.22
C TRP B 208 6.88 4.34 11.20
N TYR B 209 6.98 5.39 12.01
CA TYR B 209 6.14 6.58 11.89
C TYR B 209 6.98 7.78 11.45
N SER B 210 6.38 8.67 10.64
N SER B 210 6.33 8.68 10.71
CA SER B 210 7.10 9.84 10.17
CA SER B 210 6.97 9.84 10.14
C SER B 210 6.21 11.06 10.06
C SER B 210 6.09 11.06 10.31
N VAL B 211 6.74 12.20 10.51
CA VAL B 211 6.09 13.51 10.45
C VAL B 211 6.78 14.32 9.37
N PRO B 212 6.05 14.91 8.43
CA PRO B 212 6.68 15.71 7.39
C PRO B 212 7.53 16.82 7.96
N PRO B 213 8.72 17.06 7.37
CA PRO B 213 9.53 18.19 7.81
C PRO B 213 8.76 19.50 7.86
N GLU B 214 7.83 19.75 6.94
CA GLU B 214 7.12 21.04 7.01
C GLU B 214 6.14 21.11 8.18
N HIS B 215 5.96 20.05 8.96
CA HIS B 215 5.19 20.10 10.20
C HIS B 215 5.99 19.66 11.42
N GLY B 216 7.31 19.55 11.31
CA GLY B 216 8.08 19.12 12.47
C GLY B 216 7.95 20.06 13.64
N LYS B 217 7.83 21.37 13.37
CA LYS B 217 7.70 22.31 14.47
C LYS B 217 6.42 22.04 15.26
N ARG B 218 5.35 21.59 14.58
CA ARG B 218 4.14 21.28 15.32
C ARG B 218 4.35 20.14 16.28
N LEU B 219 5.16 19.15 15.89
CA LEU B 219 5.43 18.04 16.82
C LEU B 219 6.23 18.52 18.01
N GLU B 220 7.18 19.42 17.77
CA GLU B 220 7.99 20.00 18.84
C GLU B 220 7.11 20.79 19.81
N ARG B 221 6.17 21.59 19.30
CA ARG B 221 5.26 22.32 20.17
C ARG B 221 4.51 21.36 21.07
N LEU B 222 3.93 20.32 20.49
CA LEU B 222 3.18 19.35 21.27
C LEU B 222 4.07 18.74 22.35
N ALA B 223 5.24 18.26 21.95
CA ALA B 223 6.15 17.64 22.90
C ALA B 223 6.51 18.60 24.04
N LYS B 224 6.79 19.86 23.71
CA LYS B 224 7.20 20.79 24.76
C LYS B 224 6.05 21.03 25.73
N GLY B 225 4.81 21.00 25.24
CA GLY B 225 3.67 21.24 26.10
C GLY B 225 3.40 20.08 27.03
N PHE B 226 3.71 18.87 26.62
CA PHE B 226 3.51 17.71 27.49
C PHE B 226 4.71 17.36 28.35
N PHE B 227 5.91 17.82 27.99
CA PHE B 227 7.12 17.58 28.78
C PHE B 227 7.80 18.91 29.08
N PRO B 228 7.09 19.80 29.77
CA PRO B 228 7.61 21.16 29.97
C PRO B 228 8.85 21.18 30.83
N GLY B 229 8.96 20.26 31.80
CA GLY B 229 10.18 20.16 32.58
C GLY B 229 11.38 19.88 31.69
N SER B 230 11.23 18.93 30.76
CA SER B 230 12.33 18.59 29.87
C SER B 230 12.66 19.74 28.92
N ALA B 231 11.63 20.39 28.38
CA ALA B 231 11.84 21.51 27.46
C ALA B 231 12.60 22.65 28.13
N GLN B 232 12.43 22.80 29.43
CA GLN B 232 13.13 23.85 30.17
C GLN B 232 14.57 23.48 30.45
N SER B 233 14.88 22.18 30.55
CA SER B 233 16.24 21.74 30.81
C SER B 233 17.09 21.65 29.54
N CYS B 234 16.47 21.43 28.38
CA CYS B 234 17.24 21.33 27.15
C CYS B 234 16.39 21.89 26.03
N GLU B 235 17.04 22.61 25.12
CA GLU B 235 16.36 23.22 24.00
C GLU B 235 16.07 22.24 22.88
N ALA B 236 16.53 21.00 22.97
CA ALA B 236 16.28 20.01 21.92
C ALA B 236 16.18 18.63 22.57
N PHE B 237 15.29 18.49 23.56
CA PHE B 237 15.30 17.27 24.35
C PHE B 237 14.82 16.04 23.58
N LEU B 238 14.13 16.20 22.45
CA LEU B 238 13.80 15.03 21.65
C LEU B 238 15.07 14.33 21.17
N ARG B 239 16.20 15.05 21.07
CA ARG B 239 17.46 14.45 20.64
C ARG B 239 17.96 13.42 21.62
N HIS B 240 17.47 13.46 22.86
CA HIS B 240 17.80 12.41 23.82
C HIS B 240 17.23 11.04 23.43
N LYS B 241 16.30 11.00 22.48
CA LYS B 241 15.72 9.76 21.97
C LYS B 241 15.04 8.97 23.09
N MET B 242 14.35 9.70 23.96
CA MET B 242 13.61 9.08 25.05
C MET B 242 12.11 9.26 24.98
N THR B 243 11.59 10.00 24.03
CA THR B 243 10.19 10.41 24.03
C THR B 243 9.38 9.61 23.03
N LEU B 244 8.40 8.87 23.54
CA LEU B 244 7.52 8.04 22.73
C LEU B 244 6.12 8.66 22.73
N ILE B 245 5.50 8.73 21.56
CA ILE B 245 4.19 9.37 21.40
C ILE B 245 3.37 8.53 20.44
N SER B 246 2.19 8.12 20.87
CA SER B 246 1.39 7.22 20.05
C SER B 246 0.72 7.90 18.86
N PRO B 247 0.42 7.14 17.81
CA PRO B 247 -0.31 7.73 16.68
C PRO B 247 -1.68 8.24 17.08
N LEU B 248 -2.32 7.63 18.09
CA LEU B 248 -3.60 8.16 18.56
C LEU B 248 -3.48 9.58 19.13
N MET B 249 -2.40 9.86 19.85
CA MET B 249 -2.16 11.22 20.31
C MET B 249 -1.83 12.15 19.15
N LEU B 250 -1.02 11.69 18.19
CA LEU B 250 -0.74 12.52 17.04
C LEU B 250 -2.05 12.90 16.34
N LYS B 251 -2.94 11.91 16.14
CA LYS B 251 -4.20 12.15 15.45
C LYS B 251 -5.09 13.08 16.26
N LYS B 252 -5.17 12.85 17.57
CA LYS B 252 -5.98 13.69 18.44
C LYS B 252 -5.57 15.15 18.36
N TYR B 253 -4.26 15.41 18.33
CA TYR B 253 -3.76 16.79 18.35
C TYR B 253 -3.47 17.34 16.95
N GLY B 254 -3.86 16.63 15.90
CA GLY B 254 -3.77 17.20 14.57
C GLY B 254 -2.37 17.31 13.99
N ILE B 255 -1.45 16.45 14.41
CA ILE B 255 -0.12 16.35 13.80
C ILE B 255 -0.22 15.43 12.60
N PRO B 256 -0.02 15.90 11.38
CA PRO B 256 0.03 14.97 10.24
C PRO B 256 1.20 14.01 10.37
N PHE B 257 0.98 12.76 9.99
CA PHE B 257 2.01 11.74 10.06
C PHE B 257 1.63 10.66 9.09
N ASP B 258 2.59 9.80 8.79
CA ASP B 258 2.35 8.64 7.96
C ASP B 258 3.04 7.49 8.63
N LYS B 259 2.80 6.29 8.08
CA LYS B 259 3.41 5.12 8.67
C LYS B 259 3.70 4.11 7.59
N VAL B 260 4.74 3.32 7.83
CA VAL B 260 5.22 2.34 6.86
C VAL B 260 5.94 1.24 7.63
N THR B 261 5.90 0.04 7.07
CA THR B 261 6.62 -1.10 7.60
C THR B 261 7.71 -1.55 6.63
N GLN B 262 8.92 -1.67 7.17
CA GLN B 262 10.10 -2.08 6.45
C GLN B 262 10.32 -3.57 6.62
N GLU B 263 10.43 -4.28 5.51
CA GLU B 263 10.73 -5.71 5.50
C GLU B 263 12.22 -5.97 5.21
N ALA B 264 12.65 -7.20 5.51
CA ALA B 264 14.03 -7.57 5.27
C ALA B 264 14.38 -7.37 3.81
N GLY B 265 15.59 -6.85 3.57
CA GLY B 265 16.02 -6.53 2.23
C GLY B 265 15.62 -5.18 1.71
N GLU B 266 15.03 -4.32 2.54
CA GLU B 266 14.59 -3.00 2.10
C GLU B 266 15.36 -1.89 2.83
N PHE B 267 15.52 -0.79 2.14
CA PHE B 267 16.09 0.43 2.69
C PHE B 267 15.00 1.45 3.10
N MET B 268 15.25 2.16 4.18
CA MET B 268 14.51 3.37 4.47
C MET B 268 15.48 4.53 4.47
N ILE B 269 15.05 5.63 3.86
CA ILE B 269 15.80 6.88 3.86
C ILE B 269 15.02 7.87 4.72
N THR B 270 15.71 8.53 5.65
CA THR B 270 15.12 9.67 6.32
C THR B 270 15.76 10.96 5.82
N PHE B 271 14.98 12.02 5.82
CA PHE B 271 15.37 13.26 5.19
C PHE B 271 15.61 14.32 6.24
N PRO B 272 16.32 15.39 5.91
CA PRO B 272 16.64 16.41 6.90
C PRO B 272 15.41 16.94 7.59
N TYR B 273 15.47 16.96 8.94
CA TYR B 273 14.38 17.43 9.79
C TYR B 273 13.11 16.58 9.66
N GLY B 274 13.28 15.31 9.23
CA GLY B 274 12.22 14.31 9.23
C GLY B 274 12.16 13.57 10.55
N TYR B 275 11.19 13.95 11.39
CA TYR B 275 10.99 13.23 12.66
C TYR B 275 10.45 11.83 12.40
N HIS B 276 11.02 10.85 13.08
CA HIS B 276 10.61 9.46 12.91
C HIS B 276 10.72 8.72 14.24
N ALA B 277 9.91 7.67 14.37
CA ALA B 277 9.88 6.79 15.51
C ALA B 277 9.39 5.44 15.02
N GLY B 278 9.58 4.40 15.83
CA GLY B 278 9.09 3.10 15.42
C GLY B 278 9.43 2.00 16.38
N PHE B 279 9.26 0.77 15.90
CA PHE B 279 9.45 -0.41 16.76
C PHE B 279 9.70 -1.65 15.88
N ASN B 280 10.35 -2.63 16.47
CA ASN B 280 10.68 -3.86 15.76
C ASN B 280 9.66 -4.95 16.05
N HIS B 281 9.37 -5.75 15.04
CA HIS B 281 8.34 -6.79 15.19
C HIS B 281 8.84 -8.05 15.90
N GLY B 282 10.14 -8.31 15.86
CA GLY B 282 10.73 -9.54 16.37
C GLY B 282 12.21 -9.48 16.07
N PHE B 283 12.90 -10.62 16.20
CA PHE B 283 14.36 -10.65 16.04
C PHE B 283 14.73 -10.15 14.65
N ASN B 284 15.63 -9.18 14.58
CA ASN B 284 16.07 -8.66 13.29
C ASN B 284 17.40 -7.92 13.44
N CYS B 285 17.92 -7.45 12.31
CA CYS B 285 19.20 -6.75 12.30
C CYS B 285 19.19 -5.70 11.22
N ALA B 286 19.42 -4.44 11.60
CA ALA B 286 19.47 -3.28 10.72
C ALA B 286 20.84 -2.60 10.80
N GLU B 287 21.21 -1.94 9.72
CA GLU B 287 22.47 -1.20 9.64
C GLU B 287 22.13 0.21 9.22
N SER B 288 22.73 1.19 9.87
CA SER B 288 22.28 2.56 9.69
C SER B 288 23.46 3.52 9.73
N THR B 289 23.35 4.65 9.02
CA THR B 289 24.36 5.69 9.15
C THR B 289 23.76 6.98 8.60
N ASN B 290 24.47 8.08 8.82
CA ASN B 290 24.01 9.36 8.28
C ASN B 290 24.71 9.69 6.95
N PHE B 291 24.09 10.59 6.18
CA PHE B 291 24.69 11.10 4.97
C PHE B 291 24.14 12.47 4.64
N ALA B 292 24.72 13.09 3.61
CA ALA B 292 24.31 14.44 3.25
C ALA B 292 24.18 14.62 1.75
N THR B 293 23.49 15.69 1.38
CA THR B 293 23.42 16.27 0.04
C THR B 293 23.63 17.77 0.20
N ARG B 294 23.75 18.52 -0.91
CA ARG B 294 23.98 19.96 -0.76
C ARG B 294 22.83 20.65 -0.01
N ARG B 295 21.59 20.18 -0.21
CA ARG B 295 20.44 20.79 0.44
C ARG B 295 20.50 20.66 1.95
N TRP B 296 21.21 19.66 2.46
CA TRP B 296 21.36 19.52 3.90
C TRP B 296 22.14 20.69 4.53
N ILE B 297 23.03 21.32 3.77
CA ILE B 297 23.95 22.26 4.42
C ILE B 297 23.18 23.31 5.20
N GLU B 298 22.10 23.84 4.63
CA GLU B 298 21.35 24.86 5.34
C GLU B 298 20.70 24.30 6.60
N TYR B 299 20.27 23.04 6.56
CA TYR B 299 19.71 22.41 7.76
C TYR B 299 20.75 22.30 8.86
N GLY B 300 21.96 21.85 8.48
CA GLY B 300 23.04 21.75 9.45
C GLY B 300 23.35 23.09 10.08
N LYS B 301 23.35 24.16 9.28
CA LYS B 301 23.59 25.48 9.86
C LYS B 301 22.53 25.86 10.88
N GLN B 302 21.30 25.44 10.70
CA GLN B 302 20.19 25.90 11.51
C GLN B 302 19.75 24.89 12.56
N ALA B 303 20.36 23.70 12.60
CA ALA B 303 19.89 22.68 13.53
C ALA B 303 19.99 23.20 14.95
N VAL B 304 18.95 22.91 15.74
CA VAL B 304 18.93 23.26 17.16
C VAL B 304 19.43 22.06 17.94
N LEU B 305 20.48 22.26 18.70
CA LEU B 305 21.19 21.12 19.28
C LEU B 305 20.91 20.98 20.77
N CYS B 306 21.17 19.79 21.27
CA CYS B 306 21.02 19.53 22.69
C CYS B 306 21.94 20.47 23.47
N SER B 307 21.34 21.22 24.39
CA SER B 307 22.02 22.19 25.21
C SER B 307 22.31 21.69 26.63
N CYS B 308 22.26 20.38 26.85
CA CYS B 308 22.35 19.83 28.20
C CYS B 308 23.39 18.73 28.34
N ARG B 309 24.11 18.41 27.25
CA ARG B 309 25.26 17.50 27.18
C ARG B 309 24.85 16.03 27.18
N LYS B 310 23.56 15.70 27.17
CA LYS B 310 23.14 14.32 26.91
C LYS B 310 23.51 13.87 25.49
N ASP B 311 23.32 14.74 24.49
CA ASP B 311 23.61 14.45 23.08
C ASP B 311 24.77 15.35 22.64
N MET B 312 25.92 14.74 22.33
CA MET B 312 27.17 15.46 22.17
C MET B 312 27.63 15.60 20.72
N VAL B 313 26.81 15.26 19.74
CA VAL B 313 27.26 15.31 18.35
C VAL B 313 27.06 16.72 17.83
N LYS B 314 28.16 17.42 17.58
CA LYS B 314 28.16 18.73 16.96
C LYS B 314 29.21 18.71 15.86
N ILE B 315 28.78 18.93 14.64
CA ILE B 315 29.67 18.99 13.48
C ILE B 315 29.91 20.46 13.17
N SER B 316 31.16 20.83 12.92
CA SER B 316 31.43 22.18 12.46
C SER B 316 30.94 22.35 11.02
N MET B 317 30.10 23.36 10.79
CA MET B 317 29.56 23.61 9.44
C MET B 317 30.52 24.41 8.58
N ASP B 318 31.60 24.89 9.18
CA ASP B 318 32.46 25.86 8.53
C ASP B 318 32.93 25.36 7.16
N VAL B 319 33.34 24.10 7.07
CA VAL B 319 33.88 23.60 5.82
C VAL B 319 32.83 23.59 4.72
N PHE B 320 31.57 23.33 5.07
CA PHE B 320 30.50 23.27 4.10
C PHE B 320 30.10 24.65 3.61
N VAL B 321 30.02 25.63 4.50
CA VAL B 321 29.70 27.00 4.09
C VAL B 321 30.82 27.58 3.26
N ARG B 322 32.06 27.36 3.69
CA ARG B 322 33.20 27.84 2.93
C ARG B 322 33.15 27.32 1.49
N LYS B 323 32.87 26.04 1.33
CA LYS B 323 33.02 25.39 0.04
C LYS B 323 31.80 25.59 -0.84
N PHE B 324 30.59 25.52 -0.27
CA PHE B 324 29.39 25.57 -1.08
C PHE B 324 28.61 26.86 -0.98
N GLN B 325 28.91 27.69 0.00
CA GLN B 325 28.24 28.99 0.17
C GLN B 325 29.27 30.09 0.36
N PRO B 326 30.28 30.17 -0.51
CA PRO B 326 31.31 31.22 -0.34
C PRO B 326 30.75 32.61 -0.28
N GLU B 327 29.63 32.83 -0.95
CA GLU B 327 29.01 34.14 -1.01
C GLU B 327 28.31 34.51 0.28
N ARG B 328 28.08 33.55 1.16
CA ARG B 328 27.46 33.81 2.45
C ARG B 328 28.40 33.57 3.61
N TYR B 329 29.63 33.12 3.35
CA TYR B 329 30.50 32.66 4.43
C TYR B 329 30.85 33.77 5.40
N LYS B 330 31.19 34.94 4.89
CA LYS B 330 31.53 36.06 5.74
C LYS B 330 30.36 36.45 6.63
N LEU B 331 29.19 36.63 6.02
CA LEU B 331 27.98 36.89 6.79
C LEU B 331 27.78 35.83 7.85
N TRP B 332 27.86 34.57 7.44
CA TRP B 332 27.54 33.48 8.35
C TRP B 332 28.47 33.50 9.55
N LYS B 333 29.78 33.67 9.29
CA LYS B 333 30.74 33.64 10.39
C LYS B 333 30.43 34.75 11.37
N ALA B 334 29.84 35.84 10.88
CA ALA B 334 29.43 37.00 11.65
C ALA B 334 28.02 36.88 12.21
N GLY B 335 27.41 35.70 12.13
CA GLY B 335 26.05 35.52 12.60
C GLY B 335 25.01 36.41 11.97
N LYS B 336 25.13 36.70 10.68
CA LYS B 336 24.14 37.53 10.00
C LYS B 336 23.50 36.85 8.80
N ASP B 337 23.65 35.53 8.67
CA ASP B 337 23.01 34.78 7.60
C ASP B 337 21.58 34.46 8.03
N ASN B 338 20.60 34.97 7.30
CA ASN B 338 19.19 34.80 7.64
C ASN B 338 18.45 34.02 6.58
N THR B 339 19.14 33.07 5.98
CA THR B 339 18.52 32.19 5.01
C THR B 339 17.34 31.47 5.65
N VAL B 340 16.26 31.34 4.92
CA VAL B 340 15.08 30.63 5.38
C VAL B 340 14.98 29.33 4.60
N ILE B 341 14.69 28.24 5.28
CA ILE B 341 14.59 26.96 4.62
C ILE B 341 13.18 26.75 4.12
N ASP B 342 13.07 26.34 2.87
CA ASP B 342 11.81 25.86 2.28
C ASP B 342 11.87 24.35 2.17
N HIS B 343 11.13 23.66 3.06
CA HIS B 343 11.23 22.22 3.14
C HIS B 343 10.70 21.53 1.91
N THR B 344 9.97 22.22 1.05
CA THR B 344 9.44 21.56 -0.14
C THR B 344 10.46 21.42 -1.25
N LEU B 345 11.54 22.20 -1.23
CA LEU B 345 12.46 22.26 -2.36
C LEU B 345 13.37 21.03 -2.40
N PRO B 346 13.54 20.41 -3.58
CA PRO B 346 14.47 19.30 -3.71
C PRO B 346 15.90 19.80 -3.77
N THR B 347 16.82 18.87 -3.55
CA THR B 347 18.22 19.24 -3.55
C THR B 347 18.65 19.66 -4.96
N PRO B 348 19.63 20.56 -5.07
CA PRO B 348 19.89 21.12 -6.41
C PRO B 348 20.41 20.09 -7.40
N GLU B 349 20.99 18.98 -6.94
CA GLU B 349 21.43 17.92 -7.84
C GLU B 349 20.25 17.23 -8.52
N ALA B 350 19.02 17.46 -8.09
CA ALA B 350 17.85 16.89 -8.72
C ALA B 350 17.47 17.64 -10.00
N ALA B 351 18.21 18.69 -10.33
CA ALA B 351 17.79 19.55 -11.41
C ALA B 351 17.66 18.79 -12.72
N GLU B 352 18.61 17.89 -13.02
CA GLU B 352 18.58 17.15 -14.27
C GLU B 352 17.31 16.31 -14.43
N PHE B 353 16.58 16.08 -13.34
CA PHE B 353 15.25 15.47 -13.41
C PHE B 353 14.16 16.52 -13.60
N LEU B 354 14.55 17.70 -14.09
CA LEU B 354 13.68 18.79 -14.55
C LEU B 354 12.69 19.27 -13.51
#